data_7BN6
#
_entry.id   7BN6
#
_cell.length_a   56.703
_cell.length_b   76.482
_cell.length_c   86.072
_cell.angle_alpha   90.000
_cell.angle_beta   93.038
_cell.angle_gamma   90.000
#
_symmetry.space_group_name_H-M   'P 1 21 1'
#
loop_
_entity.id
_entity.type
_entity.pdbx_description
1 polymer 'NADPH2 dehydrogenase-like protein'
2 non-polymer (2~{R})-2-methyl-2~{H}-furan-5-one
3 non-polymer 'FLAVIN MONONUCLEOTIDE'
4 water water
#
_entity_poly.entity_id   1
_entity_poly.type   'polypeptide(L)'
_entity_poly.pdbx_seq_one_letter_code
;MGSSHHHHHHSSGLVPRGSHMLKLLEPFDLNGLELANRMVMAPLTRNRAGPRFVPTKMNALYYAQRSGLGLIITEATQIS
QQGMGYPDTPGIYTDEQVDGWRMVTEAVHRREGCIFLQLWHVGRVSHSSFQPNGQLPVAPSAIAPEGEVMTYDGIKPFET
PRALETEEVAHIVEDYRKAAINAKRAGFDGIEIHSANGYLLHEFLEDGTNKRTDRYGGSIENRARIVFEVLDAVCKVYPS
RRVGIRLSPDTEFMSMSDSDRPALYSYLVQELSRRELAYLHLIEPRIKGNVDVEKESSLNVEFFRPLYKGVLITAGGYQK
ETGEERLQKQHADLVAYGRWVIANPDLPSRFEQNAPLNPYDRATFYGGNEKGYTDYPFLDPRDSQEALKEAEAAERKWRR
L
;
_entity_poly.pdbx_strand_id   A,B
#
# COMPACT_ATOMS: atom_id res chain seq x y z
N MET A 21 30.98 26.89 -17.89
CA MET A 21 32.15 26.16 -18.36
C MET A 21 32.70 25.22 -17.28
N LEU A 22 31.94 25.05 -16.18
CA LEU A 22 32.27 24.04 -15.19
C LEU A 22 31.78 22.68 -15.68
N LYS A 23 32.67 21.70 -15.68
CA LYS A 23 32.25 20.35 -15.99
C LYS A 23 31.27 19.84 -14.93
N LEU A 24 31.29 20.43 -13.73
CA LEU A 24 30.27 20.08 -12.74
C LEU A 24 28.85 20.31 -13.24
N LEU A 25 28.67 21.24 -14.17
CA LEU A 25 27.32 21.62 -14.60
C LEU A 25 26.95 21.03 -15.95
N GLU A 26 27.78 20.18 -16.49
CA GLU A 26 27.50 19.53 -17.77
C GLU A 26 26.46 18.43 -17.58
N PRO A 27 25.43 18.35 -18.43
CA PRO A 27 24.50 17.22 -18.35
C PRO A 27 25.24 15.91 -18.54
N PHE A 28 24.69 14.85 -17.95
CA PHE A 28 25.36 13.57 -17.91
C PHE A 28 24.32 12.50 -18.16
N ASP A 29 24.69 11.52 -18.99
CA ASP A 29 23.83 10.40 -19.37
C ASP A 29 24.19 9.20 -18.50
N LEU A 30 23.32 8.86 -17.57
CA LEU A 30 23.49 7.69 -16.73
C LEU A 30 22.69 6.53 -17.32
N ASN A 31 23.19 6.03 -18.45
CA ASN A 31 22.64 4.86 -19.12
C ASN A 31 21.14 5.00 -19.33
N GLY A 32 20.73 6.16 -19.84
CA GLY A 32 19.34 6.46 -20.12
C GLY A 32 18.72 7.49 -19.19
N LEU A 33 19.28 7.68 -18.00
CA LEU A 33 18.83 8.74 -17.11
C LEU A 33 19.57 10.02 -17.48
N GLU A 34 18.82 11.04 -17.87
CA GLU A 34 19.42 12.28 -18.36
C GLU A 34 19.56 13.24 -17.18
N LEU A 35 20.70 13.15 -16.49
CA LEU A 35 20.94 14.01 -15.34
C LEU A 35 21.19 15.43 -15.79
N ALA A 36 20.67 16.39 -15.03
CA ALA A 36 20.84 17.79 -15.44
C ALA A 36 22.29 18.26 -15.34
N ASN A 37 23.11 17.62 -14.51
CA ASN A 37 24.49 18.02 -14.28
C ASN A 37 25.24 16.84 -13.67
N ARG A 38 26.51 17.05 -13.32
CA ARG A 38 27.38 16.00 -12.80
C ARG A 38 27.50 16.08 -11.28
N MET A 39 26.59 16.79 -10.64
CA MET A 39 26.58 16.88 -9.17
C MET A 39 25.49 16.00 -8.59
N VAL A 40 25.78 15.46 -7.41
CA VAL A 40 24.95 14.46 -6.75
C VAL A 40 24.66 14.93 -5.33
N MET A 41 23.40 14.85 -4.91
CA MET A 41 23.09 14.99 -3.49
C MET A 41 23.50 13.71 -2.76
N ALA A 42 24.51 13.82 -1.91
CA ALA A 42 25.00 12.68 -1.15
C ALA A 42 23.89 12.20 -0.21
N PRO A 43 23.87 10.91 0.12
CA PRO A 43 22.87 10.41 1.08
C PRO A 43 23.11 11.00 2.48
N LEU A 44 22.04 11.50 3.11
CA LEU A 44 22.17 12.24 4.37
C LEU A 44 21.03 11.92 5.33
N THR A 45 21.38 11.22 6.42
CA THR A 45 20.44 10.92 7.50
C THR A 45 20.01 12.19 8.21
N ARG A 46 18.70 12.44 8.26
CA ARG A 46 18.17 13.66 8.86
C ARG A 46 17.20 13.42 10.02
N ASN A 47 16.82 12.16 10.27
CA ASN A 47 15.98 11.75 11.42
C ASN A 47 14.69 12.56 11.52
N ARG A 48 13.98 12.69 10.40
CA ARG A 48 12.76 13.47 10.35
C ARG A 48 11.59 12.69 9.71
N ALA A 49 11.57 11.37 9.90
CA ALA A 49 10.43 10.57 9.48
C ALA A 49 9.23 10.79 10.41
N GLY A 50 8.04 10.56 9.84
CA GLY A 50 6.81 10.57 10.59
C GLY A 50 6.64 9.27 11.34
N PRO A 51 5.49 9.14 12.00
CA PRO A 51 5.21 7.92 12.78
C PRO A 51 5.35 6.65 11.95
N ARG A 52 5.89 5.61 12.60
CA ARG A 52 6.12 4.30 12.00
C ARG A 52 7.12 4.38 10.85
N PHE A 53 8.01 5.37 10.94
CA PHE A 53 9.12 5.57 10.00
C PHE A 53 8.65 5.90 8.58
N VAL A 54 7.58 6.67 8.47
CA VAL A 54 6.91 6.96 7.21
C VAL A 54 7.30 8.36 6.75
N PRO A 55 7.80 8.53 5.52
CA PRO A 55 8.06 9.90 5.02
C PRO A 55 6.81 10.77 4.97
N THR A 56 7.03 12.07 5.12
CA THR A 56 6.01 13.09 5.23
C THR A 56 6.09 14.10 4.08
N LYS A 57 5.04 14.93 3.98
CA LYS A 57 5.10 16.04 3.04
C LYS A 57 6.34 16.89 3.24
N MET A 58 6.73 17.12 4.50
CA MET A 58 7.92 17.94 4.77
C MET A 58 9.18 17.31 4.18
N ASN A 59 9.27 15.99 4.22
CA ASN A 59 10.39 15.32 3.56
C ASN A 59 10.31 15.50 2.06
N ALA A 60 9.11 15.35 1.49
CA ALA A 60 8.91 15.59 0.06
C ALA A 60 9.37 16.99 -0.33
N LEU A 61 9.05 17.99 0.49
CA LEU A 61 9.49 19.36 0.22
C LEU A 61 11.01 19.44 0.21
N TYR A 62 11.66 18.81 1.21
CA TYR A 62 13.13 18.83 1.30
C TYR A 62 13.78 18.28 0.05
N TYR A 63 13.31 17.12 -0.44
CA TYR A 63 13.91 16.55 -1.64
C TYR A 63 13.52 17.35 -2.89
N ALA A 64 12.26 17.80 -2.98
CA ALA A 64 11.86 18.65 -4.10
C ALA A 64 12.69 19.93 -4.17
N GLN A 65 13.04 20.51 -3.02
CA GLN A 65 13.89 21.70 -3.03
C GLN A 65 15.26 21.41 -3.66
N ARG A 66 15.76 20.18 -3.54
CA ARG A 66 17.09 19.81 -3.99
C ARG A 66 17.05 19.09 -5.33
N SER A 67 15.94 19.21 -6.06
CA SER A 67 15.81 18.51 -7.33
C SER A 67 16.77 19.00 -8.40
N GLY A 68 17.39 20.18 -8.21
CA GLY A 68 18.34 20.68 -9.17
C GLY A 68 19.67 19.99 -9.20
N LEU A 69 19.99 19.19 -8.18
CA LEU A 69 21.11 18.28 -8.28
C LEU A 69 20.80 17.24 -9.36
N GLY A 70 21.82 16.90 -10.14
CA GLY A 70 21.62 15.94 -11.24
C GLY A 70 21.03 14.64 -10.75
N LEU A 71 21.53 14.18 -9.60
CA LEU A 71 21.03 12.90 -9.03
C LEU A 71 20.88 13.09 -7.51
N ILE A 72 19.75 12.63 -6.96
CA ILE A 72 19.55 12.72 -5.49
C ILE A 72 19.60 11.33 -4.88
N ILE A 73 20.57 11.09 -4.00
N ILE A 73 20.57 11.09 -4.00
CA ILE A 73 20.62 9.77 -3.28
CA ILE A 73 20.62 9.77 -3.30
C ILE A 73 20.00 10.05 -1.91
C ILE A 73 20.01 10.03 -1.92
N THR A 74 18.88 9.39 -1.62
CA THR A 74 18.18 9.64 -0.33
C THR A 74 19.00 9.29 0.90
N GLU A 75 18.54 9.79 2.04
CA GLU A 75 19.12 9.38 3.33
C GLU A 75 19.05 7.85 3.43
N ALA A 76 19.90 7.28 4.27
CA ALA A 76 19.86 5.82 4.48
C ALA A 76 18.45 5.41 4.92
N THR A 77 17.93 4.32 4.38
CA THR A 77 16.56 3.92 4.65
C THR A 77 16.57 2.45 5.01
N GLN A 78 16.17 2.14 6.25
CA GLN A 78 16.32 0.76 6.74
C GLN A 78 15.39 -0.19 6.00
N ILE A 79 15.93 -1.37 5.70
CA ILE A 79 15.16 -2.41 5.02
C ILE A 79 14.31 -3.23 5.97
N SER A 80 14.39 -2.96 7.28
CA SER A 80 13.75 -3.73 8.34
C SER A 80 13.95 -2.97 9.65
N GLN A 81 13.09 -3.24 10.63
CA GLN A 81 13.34 -2.66 11.95
C GLN A 81 14.66 -3.16 12.51
N GLN A 82 15.00 -4.43 12.24
CA GLN A 82 16.31 -4.97 12.63
C GLN A 82 17.45 -4.14 12.05
N GLY A 83 17.26 -3.55 10.88
CA GLY A 83 18.31 -2.74 10.28
C GLY A 83 18.36 -1.28 10.70
N MET A 84 17.60 -0.86 11.70
CA MET A 84 17.62 0.53 12.15
C MET A 84 18.49 0.70 13.40
N GLY A 85 19.00 1.91 13.56
CA GLY A 85 19.86 2.21 14.69
C GLY A 85 19.81 3.63 15.19
N TYR A 86 18.98 4.49 14.60
CA TYR A 86 18.86 5.89 14.99
C TYR A 86 17.39 6.28 14.96
N PRO A 87 16.98 7.23 15.79
CA PRO A 87 15.56 7.57 15.87
C PRO A 87 15.04 8.19 14.57
N ASP A 88 13.82 7.83 14.18
CA ASP A 88 13.06 8.54 13.14
C ASP A 88 13.77 8.53 11.78
N THR A 89 14.50 7.49 11.48
CA THR A 89 14.90 7.32 10.10
C THR A 89 13.80 6.58 9.35
N PRO A 90 13.61 6.87 8.07
CA PRO A 90 12.53 6.23 7.32
C PRO A 90 12.88 4.80 6.90
N GLY A 91 11.83 4.00 6.72
CA GLY A 91 11.95 2.62 6.27
C GLY A 91 11.33 2.42 4.90
N ILE A 92 11.51 1.22 4.37
CA ILE A 92 11.00 0.88 3.05
C ILE A 92 10.50 -0.57 3.11
N TYR A 93 10.06 -1.00 4.31
CA TYR A 93 9.60 -2.38 4.50
C TYR A 93 8.09 -2.51 4.74
N THR A 94 7.34 -1.42 4.84
CA THR A 94 5.88 -1.49 4.94
C THR A 94 5.24 -0.74 3.79
N ASP A 95 3.97 -1.05 3.52
CA ASP A 95 3.21 -0.34 2.45
C ASP A 95 2.98 1.12 2.88
N GLU A 96 2.76 1.36 4.17
CA GLU A 96 2.60 2.73 4.66
C GLU A 96 3.83 3.57 4.32
N GLN A 97 5.03 3.00 4.53
CA GLN A 97 6.27 3.68 4.19
C GLN A 97 6.36 3.93 2.69
N VAL A 98 6.05 2.91 1.90
CA VAL A 98 6.06 3.07 0.44
C VAL A 98 5.20 4.25 0.04
N ASP A 99 3.99 4.33 0.61
CA ASP A 99 3.06 5.39 0.23
C ASP A 99 3.62 6.77 0.58
N GLY A 100 4.34 6.88 1.70
CA GLY A 100 4.98 8.13 2.03
C GLY A 100 6.08 8.49 1.05
N TRP A 101 6.92 7.52 0.68
CA TRP A 101 7.97 7.76 -0.29
C TRP A 101 7.38 8.18 -1.64
N ARG A 102 6.17 7.72 -1.95
CA ARG A 102 5.55 8.12 -3.21
C ARG A 102 5.42 9.63 -3.35
N MET A 103 5.18 10.34 -2.23
CA MET A 103 5.14 11.79 -2.30
C MET A 103 6.49 12.35 -2.70
N VAL A 104 7.55 11.76 -2.16
CA VAL A 104 8.91 12.23 -2.41
C VAL A 104 9.26 12.06 -3.87
N THR A 105 9.09 10.85 -4.41
CA THR A 105 9.51 10.61 -5.79
C THR A 105 8.63 11.39 -6.76
N GLU A 106 7.33 11.53 -6.44
CA GLU A 106 6.44 12.35 -7.26
C GLU A 106 6.91 13.79 -7.33
N ALA A 107 7.24 14.40 -6.17
CA ALA A 107 7.62 15.81 -6.17
C ALA A 107 8.95 16.01 -6.89
N VAL A 108 9.91 15.13 -6.62
CA VAL A 108 11.20 15.20 -7.31
C VAL A 108 11.02 15.07 -8.80
N HIS A 109 10.18 14.10 -9.23
CA HIS A 109 10.00 13.89 -10.65
C HIS A 109 9.19 14.99 -11.31
N ARG A 110 8.30 15.64 -10.56
CA ARG A 110 7.55 16.78 -11.15
C ARG A 110 8.49 17.96 -11.36
N ARG A 111 9.64 17.97 -10.67
CA ARG A 111 10.64 19.05 -10.84
C ARG A 111 11.75 18.56 -11.78
N GLU A 112 11.50 17.45 -12.49
CA GLU A 112 12.48 16.90 -13.48
C GLU A 112 13.76 16.43 -12.80
N GLY A 113 13.68 15.90 -11.58
CA GLY A 113 14.83 15.36 -10.90
C GLY A 113 14.94 13.85 -11.08
N CYS A 114 15.96 13.29 -10.44
CA CYS A 114 16.26 11.86 -10.52
C CYS A 114 16.65 11.46 -9.12
N ILE A 115 16.17 10.31 -8.64
CA ILE A 115 16.35 9.99 -7.23
C ILE A 115 16.52 8.49 -7.06
N PHE A 116 17.57 8.09 -6.34
CA PHE A 116 17.83 6.71 -5.93
C PHE A 116 17.60 6.57 -4.44
N LEU A 117 16.94 5.50 -4.02
CA LEU A 117 16.82 5.21 -2.58
C LEU A 117 18.04 4.45 -2.06
N GLN A 118 18.63 4.93 -0.96
CA GLN A 118 19.76 4.21 -0.35
C GLN A 118 19.23 3.18 0.64
N LEU A 119 19.47 1.89 0.36
CA LEU A 119 18.97 0.76 1.21
C LEU A 119 19.94 0.56 2.37
N TRP A 120 19.42 0.34 3.58
CA TRP A 120 20.30 0.35 4.76
C TRP A 120 20.10 -0.80 5.74
N HIS A 121 21.19 -1.28 6.33
CA HIS A 121 21.10 -2.25 7.46
C HIS A 121 22.25 -1.82 8.38
N VAL A 122 21.93 -1.31 9.56
CA VAL A 122 22.96 -0.76 10.45
C VAL A 122 23.85 -1.84 11.05
N GLY A 123 23.49 -3.11 10.93
CA GLY A 123 24.27 -4.15 11.59
C GLY A 123 24.42 -3.86 13.06
N ARG A 124 25.66 -3.93 13.55
CA ARG A 124 25.94 -3.77 14.97
C ARG A 124 25.82 -2.33 15.48
N VAL A 125 25.68 -1.34 14.59
CA VAL A 125 25.57 0.05 14.99
C VAL A 125 24.12 0.35 15.31
N SER A 126 23.63 -0.19 16.43
CA SER A 126 22.24 -0.09 16.84
C SER A 126 22.21 -0.33 18.35
N HIS A 127 21.00 -0.42 18.90
CA HIS A 127 20.78 -0.75 20.29
C HIS A 127 19.51 -1.59 20.39
N SER A 128 19.50 -2.55 21.33
CA SER A 128 18.34 -3.44 21.43
C SER A 128 17.04 -2.68 21.65
N SER A 129 17.10 -1.44 22.16
CA SER A 129 15.89 -0.63 22.32
C SER A 129 15.27 -0.24 20.98
N PHE A 130 16.00 -0.32 19.88
CA PHE A 130 15.42 -0.10 18.56
C PHE A 130 14.88 -1.37 17.94
N GLN A 131 15.21 -2.55 18.52
CA GLN A 131 15.09 -3.82 17.84
C GLN A 131 13.76 -4.48 18.19
N PRO A 132 13.23 -5.30 17.28
CA PRO A 132 11.98 -6.00 17.59
C PRO A 132 12.17 -6.85 18.83
N ASN A 133 11.21 -6.76 19.75
CA ASN A 133 11.18 -7.57 20.97
C ASN A 133 12.44 -7.40 21.81
N GLY A 134 13.11 -6.25 21.73
CA GLY A 134 14.29 -6.02 22.53
C GLY A 134 15.47 -6.90 22.20
N GLN A 135 15.51 -7.47 20.99
CA GLN A 135 16.61 -8.32 20.54
C GLN A 135 17.89 -7.53 20.40
N LEU A 136 19.00 -8.24 20.47
CA LEU A 136 20.28 -7.62 20.20
C LEU A 136 20.39 -7.27 18.72
N PRO A 137 21.11 -6.19 18.42
CA PRO A 137 21.54 -5.96 17.03
C PRO A 137 22.33 -7.13 16.48
N VAL A 138 22.27 -7.33 15.18
CA VAL A 138 22.92 -8.46 14.53
C VAL A 138 24.12 -7.97 13.75
N ALA A 139 25.09 -8.87 13.59
CA ALA A 139 26.38 -8.54 13.03
C ALA A 139 27.01 -9.82 12.50
N PRO A 140 28.09 -9.71 11.70
CA PRO A 140 28.79 -10.94 11.30
C PRO A 140 29.36 -11.69 12.47
N SER A 141 29.96 -10.96 13.41
CA SER A 141 30.59 -11.54 14.58
C SER A 141 30.23 -10.71 15.81
N ALA A 142 30.30 -11.32 16.99
CA ALA A 142 29.90 -10.66 18.21
C ALA A 142 31.04 -9.81 18.72
N ILE A 143 31.15 -8.61 18.14
CA ILE A 143 32.12 -7.59 18.54
C ILE A 143 31.37 -6.26 18.59
N ALA A 144 31.27 -5.68 19.78
CA ALA A 144 30.64 -4.37 19.88
C ALA A 144 31.57 -3.30 19.30
N PRO A 145 31.00 -2.25 18.72
CA PRO A 145 31.80 -1.07 18.39
C PRO A 145 32.12 -0.27 19.64
N GLU A 146 33.22 0.48 19.57
CA GLU A 146 33.58 1.34 20.69
C GLU A 146 32.52 2.41 20.92
N GLY A 147 32.41 2.86 22.17
CA GLY A 147 31.63 4.03 22.47
C GLY A 147 30.17 3.81 22.81
N GLU A 148 29.33 4.79 22.46
CA GLU A 148 27.98 4.90 22.96
C GLU A 148 27.02 5.25 21.82
N VAL A 149 25.73 5.00 22.06
CA VAL A 149 24.68 5.11 21.04
C VAL A 149 23.47 5.83 21.62
N MET A 150 22.88 6.73 20.84
CA MET A 150 21.68 7.43 21.28
C MET A 150 20.47 6.52 21.19
N THR A 151 19.72 6.39 22.29
CA THR A 151 18.50 5.61 22.34
C THR A 151 17.32 6.49 22.74
N TYR A 152 16.12 5.90 22.73
CA TYR A 152 14.91 6.64 23.08
C TYR A 152 14.95 7.17 24.50
N ASP A 153 15.75 6.57 25.37
CA ASP A 153 15.91 7.03 26.74
C ASP A 153 17.32 7.54 27.00
N GLY A 154 17.93 8.14 25.99
CA GLY A 154 19.25 8.74 26.15
C GLY A 154 20.39 7.87 25.67
N ILE A 155 21.58 8.42 25.89
CA ILE A 155 22.82 7.80 25.45
C ILE A 155 23.10 6.57 26.29
N LYS A 156 23.61 5.52 25.65
CA LYS A 156 23.88 4.23 26.28
C LYS A 156 25.13 3.64 25.65
N PRO A 157 25.83 2.77 26.36
CA PRO A 157 26.95 2.04 25.75
C PRO A 157 26.42 1.04 24.73
N PHE A 158 27.24 0.78 23.70
CA PHE A 158 26.89 -0.26 22.75
C PHE A 158 26.85 -1.62 23.44
N GLU A 159 25.98 -2.48 22.94
CA GLU A 159 25.94 -3.87 23.35
C GLU A 159 26.78 -4.72 22.42
N THR A 160 27.27 -5.83 22.94
CA THR A 160 27.81 -6.86 22.08
C THR A 160 26.67 -7.37 21.20
N PRO A 161 26.79 -7.32 19.87
CA PRO A 161 25.70 -7.78 19.02
C PRO A 161 25.68 -9.31 18.95
N ARG A 162 24.63 -9.83 18.32
CA ARG A 162 24.52 -11.25 18.06
C ARG A 162 25.13 -11.56 16.70
N ALA A 163 25.97 -12.59 16.65
CA ALA A 163 26.55 -13.01 15.38
C ALA A 163 25.52 -13.81 14.59
N LEU A 164 25.32 -13.42 13.33
CA LEU A 164 24.30 -14.03 12.48
C LEU A 164 24.64 -15.49 12.17
N GLU A 165 23.60 -16.33 12.17
CA GLU A 165 23.74 -17.70 11.71
C GLU A 165 23.93 -17.74 10.20
N THR A 166 24.59 -18.80 9.73
CA THR A 166 24.83 -18.96 8.30
C THR A 166 23.53 -18.91 7.51
N GLU A 167 22.49 -19.56 8.02
CA GLU A 167 21.20 -19.63 7.34
C GLU A 167 20.40 -18.34 7.48
N GLU A 168 20.85 -17.39 8.28
CA GLU A 168 20.15 -16.12 8.39
C GLU A 168 20.58 -15.11 7.33
N VAL A 169 21.76 -15.29 6.73
CA VAL A 169 22.23 -14.31 5.74
C VAL A 169 21.28 -14.25 4.55
N ALA A 170 20.85 -15.42 4.06
CA ALA A 170 19.91 -15.43 2.94
C ALA A 170 18.62 -14.69 3.28
N HIS A 171 18.25 -14.68 4.57
CA HIS A 171 17.04 -13.98 4.97
C HIS A 171 17.26 -12.47 4.96
N ILE A 172 18.45 -12.01 5.35
CA ILE A 172 18.74 -10.58 5.25
C ILE A 172 18.87 -10.16 3.79
N VAL A 173 19.47 -11.02 2.96
CA VAL A 173 19.53 -10.75 1.52
C VAL A 173 18.12 -10.59 0.98
N GLU A 174 17.19 -11.45 1.42
CA GLU A 174 15.82 -11.35 0.96
C GLU A 174 15.16 -10.06 1.45
N ASP A 175 15.53 -9.58 2.64
CA ASP A 175 15.02 -8.28 3.08
C ASP A 175 15.45 -7.17 2.14
N TYR A 176 16.66 -7.26 1.59
CA TYR A 176 17.10 -6.28 0.60
C TYR A 176 16.29 -6.41 -0.68
N ARG A 177 15.99 -7.65 -1.08
CA ARG A 177 15.22 -7.84 -2.29
C ARG A 177 13.83 -7.26 -2.13
N LYS A 178 13.19 -7.51 -0.99
CA LYS A 178 11.88 -6.95 -0.72
C LYS A 178 11.94 -5.43 -0.63
N ALA A 179 13.03 -4.89 -0.04
CA ALA A 179 13.16 -3.44 -0.01
C ALA A 179 13.24 -2.86 -1.42
N ALA A 180 13.94 -3.56 -2.33
CA ALA A 180 14.06 -3.08 -3.71
C ALA A 180 12.72 -3.13 -4.42
N ILE A 181 11.93 -4.19 -4.16
CA ILE A 181 10.57 -4.24 -4.69
C ILE A 181 9.78 -3.03 -4.22
N ASN A 182 9.86 -2.72 -2.93
CA ASN A 182 9.13 -1.58 -2.41
C ASN A 182 9.67 -0.27 -2.97
N ALA A 183 10.99 -0.16 -3.16
CA ALA A 183 11.55 1.06 -3.76
C ALA A 183 11.01 1.27 -5.17
N LYS A 184 10.92 0.18 -5.94
CA LYS A 184 10.40 0.31 -7.30
C LYS A 184 8.92 0.72 -7.28
N ARG A 185 8.13 0.13 -6.40
CA ARG A 185 6.73 0.55 -6.29
C ARG A 185 6.62 2.00 -5.83
N ALA A 186 7.54 2.46 -4.96
CA ALA A 186 7.49 3.85 -4.53
C ALA A 186 7.92 4.83 -5.62
N GLY A 187 8.47 4.34 -6.73
CA GLY A 187 8.78 5.18 -7.86
C GLY A 187 10.21 5.67 -7.97
N PHE A 188 11.14 5.09 -7.20
CA PHE A 188 12.53 5.47 -7.31
C PHE A 188 13.12 5.06 -8.65
N ASP A 189 13.98 5.93 -9.18
CA ASP A 189 14.68 5.61 -10.43
C ASP A 189 15.65 4.47 -10.27
N GLY A 190 16.17 4.26 -9.05
CA GLY A 190 17.18 3.26 -8.78
C GLY A 190 17.37 3.15 -7.29
N ILE A 191 18.32 2.31 -6.92
CA ILE A 191 18.64 2.06 -5.52
C ILE A 191 20.15 2.05 -5.35
N GLU A 192 20.60 2.46 -4.16
CA GLU A 192 22.00 2.40 -3.79
C GLU A 192 22.15 1.48 -2.58
N ILE A 193 23.03 0.50 -2.70
CA ILE A 193 23.34 -0.37 -1.59
C ILE A 193 24.36 0.32 -0.69
N HIS A 194 23.97 0.61 0.55
CA HIS A 194 24.89 1.18 1.52
C HIS A 194 25.83 0.07 2.00
N SER A 195 27.08 0.11 1.54
CA SER A 195 28.08 -0.87 1.98
C SER A 195 29.27 -0.16 2.62
N ALA A 196 29.02 0.96 3.28
CA ALA A 196 30.06 1.82 3.84
C ALA A 196 29.81 2.11 5.32
N ASN A 197 30.72 2.90 5.88
CA ASN A 197 30.56 3.64 7.15
C ASN A 197 30.17 2.77 8.33
N GLY A 198 30.67 1.53 8.33
CA GLY A 198 30.64 0.67 9.49
C GLY A 198 29.36 -0.11 9.72
N TYR A 199 28.43 -0.12 8.76
CA TYR A 199 27.15 -0.79 8.94
C TYR A 199 27.29 -2.25 8.50
N LEU A 200 26.16 -2.96 8.37
CA LEU A 200 26.18 -4.42 8.30
C LEU A 200 27.11 -4.95 7.21
N LEU A 201 26.94 -4.46 5.97
CA LEU A 201 27.72 -5.01 4.85
C LEU A 201 29.19 -4.68 4.99
N HIS A 202 29.50 -3.45 5.39
CA HIS A 202 30.89 -3.07 5.65
C HIS A 202 31.50 -3.91 6.76
N GLU A 203 30.70 -4.26 7.78
CA GLU A 203 31.18 -5.15 8.84
C GLU A 203 31.57 -6.52 8.30
N PHE A 204 30.79 -7.06 7.36
CA PHE A 204 31.16 -8.32 6.73
C PHE A 204 32.42 -8.18 5.89
N LEU A 205 32.67 -7.00 5.31
CA LEU A 205 33.78 -6.87 4.36
C LEU A 205 35.14 -6.86 5.05
N GLU A 206 35.23 -6.32 6.25
CA GLU A 206 36.51 -6.10 6.90
C GLU A 206 36.76 -7.19 7.93
N ASP A 207 38.00 -7.72 7.95
CA ASP A 207 38.37 -8.78 8.86
C ASP A 207 38.58 -8.29 10.29
N GLY A 208 38.50 -6.98 10.53
CA GLY A 208 38.49 -6.49 11.90
C GLY A 208 37.15 -6.66 12.59
N THR A 209 36.08 -6.76 11.80
CA THR A 209 34.74 -6.99 12.31
C THR A 209 34.18 -8.34 11.89
N ASN A 210 34.76 -8.99 10.90
CA ASN A 210 34.29 -10.28 10.41
C ASN A 210 35.27 -11.33 10.88
N LYS A 211 34.87 -12.13 11.87
CA LYS A 211 35.68 -13.25 12.34
C LYS A 211 35.01 -14.59 12.06
N ARG A 212 34.12 -14.64 11.07
CA ARG A 212 33.40 -15.85 10.76
C ARG A 212 34.33 -16.91 10.17
N THR A 213 33.93 -18.17 10.35
CA THR A 213 34.65 -19.31 9.81
C THR A 213 33.89 -19.99 8.68
N ASP A 214 32.62 -19.63 8.47
CA ASP A 214 31.83 -20.20 7.38
C ASP A 214 32.14 -19.47 6.07
N ARG A 215 31.28 -19.67 5.08
CA ARG A 215 31.50 -19.16 3.73
C ARG A 215 31.29 -17.66 3.59
N TYR A 216 31.11 -16.95 4.71
CA TYR A 216 31.10 -15.48 4.69
C TYR A 216 32.27 -14.92 5.49
N GLY A 217 33.22 -15.77 5.88
CA GLY A 217 34.41 -15.32 6.57
C GLY A 217 35.64 -16.02 6.01
N GLY A 218 36.79 -15.45 6.34
CA GLY A 218 38.06 -15.99 5.87
C GLY A 218 38.62 -15.22 4.71
N SER A 219 38.49 -15.77 3.50
CA SER A 219 39.08 -15.15 2.33
C SER A 219 38.32 -13.90 1.91
N ILE A 220 39.07 -12.98 1.29
CA ILE A 220 38.56 -11.76 0.69
C ILE A 220 37.29 -12.03 -0.08
N GLU A 221 37.23 -13.14 -0.81
CA GLU A 221 36.04 -13.44 -1.60
C GLU A 221 34.90 -14.02 -0.76
N ASN A 222 35.18 -14.57 0.44
CA ASN A 222 34.09 -14.92 1.34
C ASN A 222 33.50 -13.69 2.02
N ARG A 223 34.35 -12.75 2.44
CA ARG A 223 33.88 -11.57 3.15
C ARG A 223 33.11 -10.63 2.23
N ALA A 224 33.46 -10.62 0.94
CA ALA A 224 32.67 -9.90 -0.04
C ALA A 224 31.42 -10.65 -0.45
N ARG A 225 31.30 -11.93 -0.08
CA ARG A 225 30.22 -12.76 -0.63
C ARG A 225 28.85 -12.15 -0.38
N ILE A 226 28.63 -11.59 0.82
CA ILE A 226 27.30 -11.08 1.13
C ILE A 226 26.95 -9.88 0.25
N VAL A 227 27.95 -9.07 -0.10
CA VAL A 227 27.69 -7.92 -0.97
C VAL A 227 27.21 -8.41 -2.33
N PHE A 228 27.86 -9.44 -2.87
CA PHE A 228 27.46 -9.96 -4.17
C PHE A 228 26.13 -10.69 -4.10
N GLU A 229 25.84 -11.35 -2.97
CA GLU A 229 24.53 -11.98 -2.80
C GLU A 229 23.42 -10.92 -2.72
N VAL A 230 23.73 -9.75 -2.12
CA VAL A 230 22.75 -8.68 -2.12
C VAL A 230 22.55 -8.14 -3.52
N LEU A 231 23.66 -7.95 -4.25
CA LEU A 231 23.57 -7.39 -5.59
C LEU A 231 22.79 -8.31 -6.52
N ASP A 232 23.06 -9.61 -6.46
CA ASP A 232 22.27 -10.58 -7.22
C ASP A 232 20.78 -10.45 -6.91
N ALA A 233 20.44 -10.30 -5.64
CA ALA A 233 19.02 -10.32 -5.27
C ALA A 233 18.32 -9.07 -5.76
N VAL A 234 18.94 -7.90 -5.59
CA VAL A 234 18.29 -6.67 -5.98
C VAL A 234 18.29 -6.49 -7.48
N CYS A 235 19.24 -7.11 -8.19
CA CYS A 235 19.22 -7.08 -9.64
C CYS A 235 18.22 -8.06 -10.23
N LYS A 236 17.52 -8.80 -9.39
CA LYS A 236 16.33 -9.49 -9.85
C LYS A 236 15.12 -8.58 -9.82
N VAL A 237 15.28 -7.34 -9.33
CA VAL A 237 14.18 -6.39 -9.20
C VAL A 237 14.37 -5.19 -10.12
N TYR A 238 15.51 -4.49 -9.99
CA TYR A 238 15.96 -3.45 -10.88
C TYR A 238 16.99 -4.00 -11.85
N PRO A 239 17.07 -3.45 -13.06
CA PRO A 239 18.19 -3.78 -13.93
C PRO A 239 19.47 -3.29 -13.29
N SER A 240 20.57 -4.00 -13.53
CA SER A 240 21.80 -3.66 -12.81
C SER A 240 22.21 -2.22 -13.08
N ARG A 241 21.86 -1.65 -14.25
CA ARG A 241 22.18 -0.27 -14.55
C ARG A 241 21.32 0.73 -13.77
N ARG A 242 20.46 0.26 -12.87
CA ARG A 242 19.77 1.14 -11.93
C ARG A 242 20.11 0.78 -10.50
N VAL A 243 21.16 0.00 -10.27
CA VAL A 243 21.64 -0.36 -8.93
C VAL A 243 23.04 0.21 -8.74
N GLY A 244 23.20 1.06 -7.72
CA GLY A 244 24.50 1.55 -7.33
C GLY A 244 24.92 0.95 -6.00
N ILE A 245 26.18 1.20 -5.65
CA ILE A 245 26.71 0.75 -4.36
C ILE A 245 27.72 1.75 -3.83
N ARG A 246 27.67 1.98 -2.52
CA ARG A 246 28.52 2.97 -1.86
C ARG A 246 29.53 2.28 -0.93
N LEU A 247 30.81 2.63 -1.08
CA LEU A 247 31.88 2.10 -0.25
C LEU A 247 32.69 3.21 0.40
N SER A 248 33.25 2.90 1.57
CA SER A 248 34.21 3.73 2.30
C SER A 248 35.49 2.92 2.41
N PRO A 249 36.41 3.06 1.45
CA PRO A 249 37.56 2.14 1.38
C PRO A 249 38.60 2.31 2.49
N ASP A 250 38.56 3.38 3.27
CA ASP A 250 39.58 3.61 4.29
C ASP A 250 39.08 4.58 5.35
N THR A 251 38.26 4.08 6.27
CA THR A 251 37.72 4.91 7.35
C THR A 251 37.76 4.11 8.64
N GLU A 252 37.97 4.84 9.74
CA GLU A 252 37.93 4.29 11.10
C GLU A 252 36.57 4.47 11.75
N PHE A 253 35.62 5.07 11.02
CA PHE A 253 34.28 5.32 11.53
C PHE A 253 33.64 4.05 12.06
N MET A 254 33.09 4.16 13.27
CA MET A 254 32.35 3.07 13.93
C MET A 254 33.21 1.82 14.09
N SER A 255 34.51 2.03 14.37
CA SER A 255 35.44 0.97 14.80
C SER A 255 35.80 -0.01 13.68
N MET A 256 35.78 0.46 12.44
CA MET A 256 36.18 -0.39 11.32
C MET A 256 37.69 -0.55 11.23
N SER A 257 38.13 -1.74 10.83
CA SER A 257 39.54 -1.97 10.53
C SER A 257 39.65 -3.23 9.69
N ASP A 258 40.72 -3.31 8.90
CA ASP A 258 40.93 -4.46 8.03
C ASP A 258 42.42 -4.56 7.73
N SER A 259 42.93 -5.79 7.68
CA SER A 259 44.37 -6.02 7.63
C SER A 259 44.96 -5.83 6.23
N ASP A 260 44.15 -5.62 5.22
CA ASP A 260 44.66 -5.33 3.89
C ASP A 260 43.60 -4.64 3.03
N ARG A 261 43.38 -3.36 3.26
CA ARG A 261 42.35 -2.60 2.56
C ARG A 261 42.67 -2.44 1.08
N PRO A 262 43.93 -2.15 0.69
CA PRO A 262 44.26 -2.23 -0.75
C PRO A 262 43.82 -3.52 -1.43
N ALA A 263 44.19 -4.68 -0.90
CA ALA A 263 43.81 -5.93 -1.56
C ALA A 263 42.31 -6.20 -1.46
N LEU A 264 41.68 -5.75 -0.38
CA LEU A 264 40.24 -5.94 -0.21
C LEU A 264 39.45 -5.18 -1.26
N TYR A 265 39.71 -3.87 -1.37
CA TYR A 265 38.83 -3.04 -2.20
C TYR A 265 39.20 -3.10 -3.68
N SER A 266 40.48 -3.27 -4.01
CA SER A 266 40.86 -3.51 -5.40
C SER A 266 40.10 -4.70 -5.97
N TYR A 267 40.14 -5.84 -5.27
CA TYR A 267 39.34 -7.00 -5.65
C TYR A 267 37.86 -6.65 -5.75
N LEU A 268 37.29 -6.20 -4.63
CA LEU A 268 35.87 -5.87 -4.60
C LEU A 268 35.49 -4.93 -5.73
N VAL A 269 36.31 -3.91 -5.98
CA VAL A 269 35.98 -2.95 -7.03
C VAL A 269 36.13 -3.57 -8.41
N GLN A 270 37.21 -4.34 -8.64
CA GLN A 270 37.36 -5.01 -9.93
C GLN A 270 36.19 -5.95 -10.19
N GLU A 271 35.70 -6.64 -9.15
CA GLU A 271 34.55 -7.51 -9.35
C GLU A 271 33.26 -6.71 -9.54
N LEU A 272 33.15 -5.55 -8.86
CA LEU A 272 31.99 -4.69 -9.10
C LEU A 272 31.97 -4.19 -10.54
N SER A 273 33.14 -3.97 -11.14
CA SER A 273 33.23 -3.40 -12.47
C SER A 273 32.60 -4.31 -13.51
N ARG A 274 32.79 -5.62 -13.37
CA ARG A 274 32.20 -6.59 -14.29
C ARG A 274 30.73 -6.86 -14.03
N ARG A 275 30.10 -6.12 -13.12
CA ARG A 275 28.69 -6.34 -12.80
C ARG A 275 27.75 -5.39 -13.52
N GLU A 276 28.26 -4.44 -14.31
CA GLU A 276 27.44 -3.52 -15.07
C GLU A 276 26.41 -2.83 -14.18
N LEU A 277 26.89 -2.21 -13.11
CA LEU A 277 26.03 -1.49 -12.19
C LEU A 277 25.79 -0.05 -12.68
N ALA A 278 24.81 0.61 -12.07
CA ALA A 278 24.58 2.03 -12.36
C ALA A 278 25.85 2.84 -12.13
N TYR A 279 26.54 2.57 -11.03
CA TYR A 279 27.72 3.35 -10.63
C TYR A 279 28.35 2.72 -9.40
N LEU A 280 29.57 3.19 -9.12
CA LEU A 280 30.26 2.97 -7.87
C LEU A 280 30.42 4.32 -7.19
N HIS A 281 30.04 4.40 -5.91
CA HIS A 281 30.05 5.62 -5.11
C HIS A 281 31.12 5.46 -4.03
N LEU A 282 32.23 6.19 -4.16
CA LEU A 282 33.32 6.07 -3.19
C LEU A 282 33.42 7.31 -2.30
N ILE A 283 33.61 7.07 -0.99
CA ILE A 283 33.82 8.12 -0.01
C ILE A 283 35.32 8.33 0.18
N GLU A 284 35.77 9.59 0.07
CA GLU A 284 37.18 9.88 0.27
C GLU A 284 37.58 9.62 1.73
N PRO A 285 38.78 9.12 1.98
CA PRO A 285 39.18 8.82 3.37
C PRO A 285 39.26 10.03 4.28
N ARG A 286 39.28 11.26 3.75
CA ARG A 286 39.34 12.45 4.60
C ARG A 286 38.01 12.75 5.28
N ILE A 287 36.98 11.91 5.11
CA ILE A 287 35.74 11.99 5.86
C ILE A 287 35.65 10.77 6.76
N LYS A 288 35.34 10.99 8.03
CA LYS A 288 35.08 9.92 9.00
C LYS A 288 33.57 9.94 9.29
N GLY A 289 32.80 9.33 8.38
CA GLY A 289 31.35 9.31 8.49
C GLY A 289 30.67 10.63 8.21
N ASN A 290 30.58 11.52 9.21
CA ASN A 290 29.87 12.78 9.06
C ASN A 290 30.74 13.99 9.40
N VAL A 291 32.04 13.78 9.59
CA VAL A 291 32.96 14.84 10.01
C VAL A 291 34.22 14.77 9.17
N ASP A 292 34.89 15.91 9.02
CA ASP A 292 36.22 15.93 8.43
C ASP A 292 37.22 15.36 9.41
N VAL A 293 38.29 14.75 8.88
CA VAL A 293 39.31 14.14 9.69
C VAL A 293 40.66 14.34 9.01
N GLU A 294 41.69 14.57 9.83
CA GLU A 294 43.06 14.62 9.34
C GLU A 294 43.53 13.20 9.08
N LYS A 295 43.90 12.92 7.83
CA LYS A 295 44.11 11.53 7.44
C LYS A 295 44.88 11.41 6.14
N GLU A 296 46.02 10.71 6.17
CA GLU A 296 46.78 10.41 4.98
C GLU A 296 46.40 9.03 4.47
N SER A 297 46.13 8.91 3.18
CA SER A 297 45.69 7.65 2.62
C SER A 297 45.82 7.69 1.10
N SER A 298 46.08 6.52 0.52
CA SER A 298 46.14 6.34 -0.93
C SER A 298 44.99 5.47 -1.44
N LEU A 299 43.93 5.33 -0.66
CA LEU A 299 42.73 4.64 -1.09
C LEU A 299 41.63 5.68 -1.32
N ASN A 300 41.89 6.54 -2.29
CA ASN A 300 40.98 7.58 -2.75
C ASN A 300 40.58 7.27 -4.18
N VAL A 301 39.79 8.16 -4.78
CA VAL A 301 39.16 7.79 -6.05
C VAL A 301 40.19 7.67 -7.16
N GLU A 302 41.28 8.46 -7.11
CA GLU A 302 42.39 8.33 -8.07
C GLU A 302 42.85 6.89 -8.19
N PHE A 303 42.94 6.19 -7.05
CA PHE A 303 43.39 4.81 -6.99
C PHE A 303 42.39 3.85 -7.64
N PHE A 304 41.09 4.17 -7.58
CA PHE A 304 40.06 3.23 -8.01
C PHE A 304 39.50 3.53 -9.39
N ARG A 305 39.77 4.70 -9.95
CA ARG A 305 39.45 4.94 -11.34
C ARG A 305 40.00 3.80 -12.21
N PRO A 306 41.30 3.45 -12.11
CA PRO A 306 41.82 2.37 -12.98
C PRO A 306 41.01 1.09 -12.94
N LEU A 307 40.56 0.68 -11.76
CA LEU A 307 40.01 -0.64 -11.54
C LEU A 307 38.52 -0.74 -11.83
N TYR A 308 37.87 0.36 -12.18
CA TYR A 308 36.42 0.38 -12.36
C TYR A 308 36.10 1.08 -13.67
N LYS A 309 35.40 0.38 -14.57
CA LYS A 309 35.16 0.88 -15.92
C LYS A 309 33.81 1.56 -16.09
N GLY A 310 33.00 1.65 -15.05
CA GLY A 310 31.69 2.25 -15.13
C GLY A 310 31.67 3.68 -14.63
N VAL A 311 30.47 4.13 -14.26
CA VAL A 311 30.28 5.48 -13.75
C VAL A 311 30.75 5.52 -12.30
N LEU A 312 31.60 6.49 -11.97
CA LEU A 312 32.24 6.58 -10.67
C LEU A 312 31.86 7.90 -10.01
N ILE A 313 31.18 7.83 -8.86
CA ILE A 313 30.84 9.00 -8.06
C ILE A 313 31.86 9.14 -6.93
N THR A 314 32.47 10.32 -6.81
CA THR A 314 33.37 10.60 -5.70
C THR A 314 32.70 11.54 -4.70
N ALA A 315 32.95 11.30 -3.42
CA ALA A 315 32.29 12.01 -2.33
C ALA A 315 33.23 12.25 -1.17
N GLY A 316 32.99 13.35 -0.47
CA GLY A 316 33.62 13.62 0.82
C GLY A 316 34.63 14.74 0.87
N GLY A 317 34.22 15.89 1.42
CA GLY A 317 35.09 17.05 1.57
C GLY A 317 35.24 17.96 0.37
N TYR A 318 34.45 17.79 -0.69
CA TYR A 318 34.67 18.59 -1.88
C TYR A 318 34.08 19.98 -1.74
N GLN A 319 34.75 20.93 -2.41
CA GLN A 319 34.26 22.27 -2.70
C GLN A 319 34.01 22.36 -4.20
N LYS A 320 33.61 23.54 -4.66
CA LYS A 320 33.45 23.70 -6.11
C LYS A 320 34.73 23.37 -6.85
N GLU A 321 35.85 23.97 -6.43
CA GLU A 321 37.10 23.85 -7.18
C GLU A 321 37.66 22.44 -7.16
N THR A 322 37.64 21.78 -6.00
CA THR A 322 38.21 20.45 -5.90
C THR A 322 37.33 19.42 -6.59
N GLY A 323 36.01 19.62 -6.54
CA GLY A 323 35.14 18.74 -7.30
C GLY A 323 35.35 18.89 -8.79
N GLU A 324 35.49 20.13 -9.27
CA GLU A 324 35.73 20.38 -10.69
C GLU A 324 37.03 19.73 -11.15
N GLU A 325 38.06 19.79 -10.31
CA GLU A 325 39.35 19.16 -10.64
C GLU A 325 39.20 17.66 -10.89
N ARG A 326 38.46 16.96 -10.01
CA ARG A 326 38.27 15.52 -10.18
C ARG A 326 37.64 15.20 -11.53
N LEU A 327 36.71 16.03 -11.98
CA LEU A 327 36.05 15.80 -13.25
C LEU A 327 36.98 16.12 -14.40
N GLN A 328 37.69 17.25 -14.30
CA GLN A 328 38.60 17.69 -15.37
C GLN A 328 39.72 16.69 -15.60
N LYS A 329 40.30 16.16 -14.52
CA LYS A 329 41.32 15.14 -14.62
C LYS A 329 40.76 13.75 -14.85
N GLN A 330 39.44 13.61 -14.93
CA GLN A 330 38.77 12.34 -15.19
C GLN A 330 39.11 11.28 -14.12
N HIS A 331 39.26 11.72 -12.88
CA HIS A 331 39.36 10.80 -11.75
C HIS A 331 37.98 10.34 -11.30
N ALA A 332 36.92 10.99 -11.77
CA ALA A 332 35.56 10.57 -11.47
C ALA A 332 34.64 11.18 -12.54
N ASP A 333 33.44 10.61 -12.63
CA ASP A 333 32.40 11.09 -13.54
C ASP A 333 31.36 11.96 -12.88
N LEU A 334 31.12 11.75 -11.57
CA LEU A 334 30.14 12.52 -10.83
C LEU A 334 30.74 12.88 -9.48
N VAL A 335 30.34 14.02 -8.93
CA VAL A 335 30.78 14.45 -7.60
C VAL A 335 29.57 14.65 -6.71
N ALA A 336 29.57 13.98 -5.55
CA ALA A 336 28.53 14.07 -4.53
C ALA A 336 28.91 15.10 -3.49
N TYR A 337 27.94 15.92 -3.09
CA TYR A 337 28.07 16.90 -2.03
C TYR A 337 26.99 16.61 -0.99
N GLY A 338 27.41 16.53 0.28
CA GLY A 338 26.52 16.30 1.40
C GLY A 338 26.19 17.57 2.14
N ARG A 339 27.11 18.01 3.02
CA ARG A 339 26.81 19.15 3.90
C ARG A 339 26.49 20.43 3.11
N TRP A 340 27.17 20.67 2.00
CA TRP A 340 26.83 21.87 1.24
C TRP A 340 25.41 21.78 0.67
N VAL A 341 24.94 20.58 0.34
CA VAL A 341 23.60 20.47 -0.23
C VAL A 341 22.55 20.56 0.88
N ILE A 342 22.90 20.14 2.10
CA ILE A 342 22.03 20.45 3.23
C ILE A 342 21.72 21.95 3.25
N ALA A 343 22.76 22.77 3.12
CA ALA A 343 22.59 24.21 3.29
C ALA A 343 22.23 24.96 2.01
N ASN A 344 22.38 24.35 0.83
CA ASN A 344 22.23 25.06 -0.43
C ASN A 344 21.43 24.15 -1.36
N PRO A 345 20.10 24.28 -1.36
CA PRO A 345 19.30 23.38 -2.18
C PRO A 345 19.59 23.57 -3.65
N ASP A 346 20.00 24.78 -4.02
CA ASP A 346 20.36 25.15 -5.38
C ASP A 346 21.87 25.25 -5.57
N LEU A 347 22.64 24.35 -4.94
CA LEU A 347 24.09 24.37 -5.06
C LEU A 347 24.60 24.45 -6.49
N PRO A 348 24.07 23.70 -7.47
CA PRO A 348 24.54 23.89 -8.87
C PRO A 348 24.41 25.31 -9.37
N SER A 349 23.27 25.97 -9.10
CA SER A 349 23.09 27.36 -9.55
C SER A 349 24.04 28.30 -8.84
N ARG A 350 24.35 28.03 -7.58
CA ARG A 350 25.33 28.87 -6.88
C ARG A 350 26.71 28.70 -7.47
N PHE A 351 27.11 27.46 -7.79
CA PHE A 351 28.40 27.24 -8.44
C PHE A 351 28.46 27.95 -9.79
N GLU A 352 27.38 27.83 -10.57
CA GLU A 352 27.33 28.42 -11.90
C GLU A 352 27.48 29.93 -11.84
N GLN A 353 26.88 30.56 -10.83
CA GLN A 353 26.87 32.02 -10.70
C GLN A 353 27.99 32.56 -9.80
N ASN A 354 28.84 31.67 -9.27
CA ASN A 354 29.92 32.09 -8.37
C ASN A 354 29.36 32.82 -7.16
N ALA A 355 28.19 32.34 -6.66
CA ALA A 355 27.45 32.93 -5.56
C ALA A 355 28.00 32.39 -4.23
N PRO A 356 27.89 33.19 -3.17
CA PRO A 356 28.20 32.66 -1.83
C PRO A 356 27.38 31.43 -1.52
N LEU A 357 27.91 30.58 -0.64
CA LEU A 357 27.24 29.39 -0.16
C LEU A 357 26.70 29.63 1.24
N ASN A 358 25.44 29.28 1.47
CA ASN A 358 24.89 29.28 2.84
C ASN A 358 25.75 28.36 3.69
N PRO A 359 26.11 28.75 4.91
CA PRO A 359 26.86 27.83 5.78
C PRO A 359 25.94 26.75 6.31
N TYR A 360 26.47 25.55 6.45
CA TYR A 360 25.68 24.47 7.03
C TYR A 360 25.77 24.51 8.55
N ASP A 361 24.63 24.23 9.20
CA ASP A 361 24.54 24.25 10.68
C ASP A 361 24.40 22.82 11.20
N ARG A 362 25.48 22.27 11.76
CA ARG A 362 25.47 20.87 12.26
C ARG A 362 24.40 20.67 13.33
N ALA A 363 24.07 21.73 14.10
CA ALA A 363 23.11 21.60 15.20
C ALA A 363 21.74 21.08 14.70
N THR A 364 21.41 21.34 13.42
CA THR A 364 20.11 20.90 12.91
C THR A 364 20.25 19.82 11.84
N PHE A 365 21.41 19.18 11.74
CA PHE A 365 21.50 18.02 10.86
C PHE A 365 20.50 16.94 11.27
N TYR A 366 20.43 16.62 12.56
CA TYR A 366 19.78 15.38 13.00
C TYR A 366 18.57 15.69 13.86
N GLY A 367 17.40 15.22 13.42
CA GLY A 367 16.16 15.41 14.20
C GLY A 367 15.60 16.80 14.03
N GLY A 368 14.43 17.07 14.60
CA GLY A 368 13.87 18.42 14.55
C GLY A 368 12.79 18.59 13.50
N ASN A 369 12.69 19.79 12.93
CA ASN A 369 11.59 20.08 11.97
C ASN A 369 12.15 20.86 10.78
N GLU A 370 11.36 21.82 10.27
CA GLU A 370 11.76 22.61 9.07
C GLU A 370 13.04 23.40 9.34
N LYS A 371 13.30 23.76 10.61
CA LYS A 371 14.47 24.59 10.87
C LYS A 371 15.75 23.81 10.58
N GLY A 372 16.61 24.40 9.76
CA GLY A 372 17.83 23.74 9.30
C GLY A 372 17.59 22.59 8.35
N TYR A 373 16.42 22.53 7.74
CA TYR A 373 16.02 21.44 6.88
C TYR A 373 15.44 21.97 5.57
N THR A 374 14.33 22.69 5.65
CA THR A 374 13.69 23.25 4.46
C THR A 374 13.75 24.78 4.43
N ASP A 375 14.39 25.41 5.41
CA ASP A 375 14.39 26.87 5.50
C ASP A 375 15.73 27.50 5.14
N TYR A 376 16.61 26.75 4.45
CA TYR A 376 17.78 27.39 3.85
C TYR A 376 17.38 28.09 2.55
N PRO A 377 17.90 29.29 2.29
CA PRO A 377 17.35 30.11 1.20
C PRO A 377 17.91 29.74 -0.18
N PHE A 378 17.11 30.03 -1.19
CA PHE A 378 17.49 29.90 -2.59
C PHE A 378 17.98 31.25 -3.11
N LEU A 379 18.78 31.19 -4.19
CA LEU A 379 19.07 32.41 -4.94
C LEU A 379 17.81 32.98 -5.60
N ASP A 380 16.97 32.10 -6.12
CA ASP A 380 15.77 32.49 -6.87
C ASP A 380 14.55 32.03 -6.10
N PRO A 381 13.70 32.94 -5.59
CA PRO A 381 12.53 32.51 -4.81
C PRO A 381 11.53 31.68 -5.61
N ARG A 382 11.49 31.80 -6.94
CA ARG A 382 10.60 30.95 -7.73
C ARG A 382 10.97 29.49 -7.61
N ASP A 383 12.24 29.21 -7.30
CA ASP A 383 12.70 27.85 -7.06
C ASP A 383 12.04 27.29 -5.80
N SER A 384 12.01 28.09 -4.74
CA SER A 384 11.34 27.67 -3.52
C SER A 384 9.84 27.51 -3.74
N GLN A 385 9.23 28.42 -4.49
CA GLN A 385 7.81 28.31 -4.76
C GLN A 385 7.47 27.02 -5.50
N GLU A 386 8.28 26.68 -6.51
CA GLU A 386 8.00 25.50 -7.32
C GLU A 386 8.16 24.21 -6.50
N ALA A 387 9.15 24.18 -5.60
CA ALA A 387 9.29 23.02 -4.73
C ALA A 387 8.11 22.90 -3.78
N LEU A 388 7.60 24.01 -3.26
CA LEU A 388 6.43 23.92 -2.38
C LEU A 388 5.20 23.48 -3.16
N LYS A 389 5.05 23.97 -4.40
CA LYS A 389 3.88 23.60 -5.20
C LYS A 389 3.86 22.11 -5.48
N GLU A 390 5.03 21.53 -5.73
CA GLU A 390 5.06 20.12 -6.08
C GLU A 390 4.92 19.24 -4.85
N ALA A 391 5.48 19.66 -3.72
CA ALA A 391 5.29 18.90 -2.49
C ALA A 391 3.81 18.87 -2.13
N GLU A 392 3.12 20.01 -2.28
CA GLU A 392 1.70 20.06 -1.96
C GLU A 392 0.89 19.25 -2.97
N ALA A 393 1.21 19.36 -4.27
CA ALA A 393 0.53 18.54 -5.27
C ALA A 393 0.78 17.06 -5.03
N ALA A 394 2.00 16.69 -4.61
CA ALA A 394 2.29 15.28 -4.39
C ALA A 394 1.48 14.74 -3.22
N GLU A 395 1.29 15.56 -2.19
CA GLU A 395 0.49 15.11 -1.05
C GLU A 395 -0.96 14.92 -1.46
N ARG A 396 -1.49 15.80 -2.31
CA ARG A 396 -2.88 15.65 -2.75
C ARG A 396 -3.05 14.42 -3.63
N LYS A 397 -2.02 14.07 -4.39
CA LYS A 397 -2.12 12.89 -5.25
C LYS A 397 -2.15 11.61 -4.42
N TRP A 398 -1.28 11.55 -3.42
CA TRP A 398 -1.15 10.32 -2.59
C TRP A 398 -1.66 10.61 -1.17
N ARG A 399 -2.87 11.16 -1.06
CA ARG A 399 -3.42 11.57 0.27
C ARG A 399 -3.52 10.38 1.23
N MET B 21 -37.94 14.45 -14.87
CA MET B 21 -38.98 14.67 -13.87
C MET B 21 -39.06 13.51 -12.88
N LEU B 22 -38.27 12.46 -13.13
CA LEU B 22 -38.30 11.27 -12.30
C LEU B 22 -37.58 11.51 -10.97
N LYS B 23 -38.23 11.13 -9.87
CA LYS B 23 -37.57 11.18 -8.57
C LYS B 23 -36.36 10.25 -8.52
N LEU B 24 -36.35 9.17 -9.31
CA LEU B 24 -35.16 8.33 -9.42
C LEU B 24 -33.90 9.12 -9.77
N LEU B 25 -34.04 10.24 -10.49
CA LEU B 25 -32.90 11.00 -10.98
C LEU B 25 -32.63 12.24 -10.16
N GLU B 26 -33.34 12.40 -9.06
CA GLU B 26 -33.12 13.54 -8.18
C GLU B 26 -31.85 13.32 -7.37
N PRO B 27 -30.95 14.31 -7.29
CA PRO B 27 -29.81 14.19 -6.38
C PRO B 27 -30.25 13.95 -4.94
N PHE B 28 -29.42 13.25 -4.20
CA PHE B 28 -29.77 12.83 -2.84
C PHE B 28 -28.59 13.10 -1.91
N ASP B 29 -28.90 13.67 -0.74
CA ASP B 29 -27.89 13.96 0.28
C ASP B 29 -27.86 12.81 1.30
N LEU B 30 -26.82 11.99 1.19
CA LEU B 30 -26.62 10.90 2.13
C LEU B 30 -25.69 11.38 3.24
N ASN B 31 -26.25 12.20 4.13
CA ASN B 31 -25.51 12.78 5.28
C ASN B 31 -24.14 13.32 4.88
N GLY B 32 -24.12 14.17 3.84
CA GLY B 32 -22.91 14.81 3.36
C GLY B 32 -22.35 14.23 2.09
N LEU B 33 -22.73 12.99 1.77
CA LEU B 33 -22.32 12.39 0.47
C LEU B 33 -23.34 12.85 -0.58
N GLU B 34 -22.88 13.62 -1.56
CA GLU B 34 -23.82 14.18 -2.56
C GLU B 34 -24.02 13.18 -3.71
N LEU B 35 -25.05 12.34 -3.59
CA LEU B 35 -25.30 11.30 -4.62
C LEU B 35 -25.92 11.98 -5.84
N ALA B 36 -25.47 11.62 -7.04
CA ALA B 36 -25.95 12.27 -8.26
C ALA B 36 -27.42 11.98 -8.54
N ASN B 37 -27.95 10.87 -8.03
CA ASN B 37 -29.35 10.49 -8.17
C ASN B 37 -29.73 9.54 -7.04
N ARG B 38 -30.95 9.02 -7.11
CA ARG B 38 -31.52 8.15 -6.08
C ARG B 38 -31.40 6.68 -6.46
N MET B 39 -30.56 6.37 -7.44
CA MET B 39 -30.38 5.00 -7.92
C MET B 39 -29.07 4.43 -7.42
N VAL B 40 -29.08 3.15 -7.09
CA VAL B 40 -27.95 2.47 -6.46
C VAL B 40 -27.56 1.25 -7.29
N MET B 41 -26.25 1.09 -7.56
CA MET B 41 -25.75 -0.17 -8.09
C MET B 41 -25.77 -1.21 -6.97
N ALA B 42 -26.66 -2.19 -7.09
CA ALA B 42 -26.72 -3.24 -6.08
C ALA B 42 -25.41 -4.04 -6.06
N PRO B 43 -25.06 -4.62 -4.92
CA PRO B 43 -23.85 -5.47 -4.85
C PRO B 43 -24.02 -6.71 -5.74
N LEU B 44 -23.02 -6.99 -6.57
CA LEU B 44 -23.13 -8.07 -7.56
C LEU B 44 -21.82 -8.85 -7.68
N THR B 45 -21.81 -10.07 -7.14
CA THR B 45 -20.68 -10.97 -7.34
C THR B 45 -20.49 -11.27 -8.81
N ARG B 46 -19.27 -11.03 -9.33
CA ARG B 46 -18.96 -11.30 -10.74
C ARG B 46 -17.83 -12.31 -10.96
N ASN B 47 -17.09 -12.69 -9.92
CA ASN B 47 -16.05 -13.72 -9.95
C ASN B 47 -14.94 -13.39 -10.97
N ARG B 48 -14.46 -12.16 -10.93
CA ARG B 48 -13.46 -11.72 -11.90
C ARG B 48 -12.27 -11.06 -11.22
N ALA B 49 -11.96 -11.46 -9.99
CA ALA B 49 -10.73 -11.05 -9.33
C ALA B 49 -9.49 -11.69 -9.97
N GLY B 50 -8.37 -11.00 -9.85
CA GLY B 50 -7.10 -11.52 -10.33
C GLY B 50 -6.50 -12.46 -9.33
N PRO B 51 -5.27 -12.89 -9.58
CA PRO B 51 -4.62 -13.84 -8.67
C PRO B 51 -4.56 -13.33 -7.23
N ARG B 52 -4.78 -14.25 -6.28
CA ARG B 52 -4.79 -13.96 -4.84
C ARG B 52 -5.91 -12.99 -4.45
N PHE B 53 -6.96 -12.98 -5.29
CA PHE B 53 -8.23 -12.31 -5.00
C PHE B 53 -8.07 -10.80 -5.04
N VAL B 54 -7.24 -10.33 -5.96
CA VAL B 54 -6.85 -8.93 -6.05
C VAL B 54 -7.63 -8.27 -7.19
N PRO B 55 -8.32 -7.16 -6.95
CA PRO B 55 -8.99 -6.46 -8.06
C PRO B 55 -8.02 -5.99 -9.13
N THR B 56 -8.52 -5.94 -10.36
CA THR B 56 -7.73 -5.72 -11.55
C THR B 56 -8.12 -4.40 -12.23
N LYS B 57 -7.32 -4.04 -13.24
CA LYS B 57 -7.70 -2.90 -14.09
C LYS B 57 -9.07 -3.09 -14.71
N MET B 58 -9.40 -4.31 -15.13
CA MET B 58 -10.71 -4.51 -15.77
C MET B 58 -11.84 -4.30 -14.76
N ASN B 59 -11.61 -4.69 -13.51
CA ASN B 59 -12.58 -4.41 -12.45
C ASN B 59 -12.75 -2.90 -12.27
N ALA B 60 -11.63 -2.16 -12.28
CA ALA B 60 -11.70 -0.70 -12.18
C ALA B 60 -12.50 -0.13 -13.33
N LEU B 61 -12.35 -0.70 -14.53
CA LEU B 61 -13.11 -0.19 -15.67
C LEU B 61 -14.60 -0.44 -15.47
N TYR B 62 -14.96 -1.66 -15.06
CA TYR B 62 -16.34 -2.01 -14.78
C TYR B 62 -17.02 -1.03 -13.82
N TYR B 63 -16.36 -0.71 -12.70
CA TYR B 63 -16.97 0.20 -11.73
C TYR B 63 -16.95 1.65 -12.23
N ALA B 64 -15.84 2.06 -12.87
CA ALA B 64 -15.81 3.39 -13.49
C ALA B 64 -16.92 3.54 -14.53
N GLN B 65 -17.19 2.49 -15.30
CA GLN B 65 -18.27 2.59 -16.28
C GLN B 65 -19.60 2.89 -15.61
N ARG B 66 -19.79 2.43 -14.37
CA ARG B 66 -21.08 2.51 -13.69
C ARG B 66 -21.11 3.62 -12.63
N SER B 67 -20.17 4.56 -12.72
CA SER B 67 -20.06 5.68 -11.77
C SER B 67 -21.22 6.65 -11.85
N GLY B 68 -22.01 6.60 -12.93
CA GLY B 68 -23.19 7.43 -12.99
C GLY B 68 -24.31 7.02 -12.07
N LEU B 69 -24.25 5.81 -11.49
CA LEU B 69 -25.19 5.47 -10.45
C LEU B 69 -24.88 6.35 -9.25
N GLY B 70 -25.93 6.79 -8.55
CA GLY B 70 -25.73 7.70 -7.43
C GLY B 70 -24.80 7.11 -6.39
N LEU B 71 -24.96 5.83 -6.09
CA LEU B 71 -24.09 5.14 -5.15
C LEU B 71 -23.79 3.78 -5.74
N ILE B 72 -22.53 3.37 -5.73
CA ILE B 72 -22.16 1.98 -6.04
C ILE B 72 -21.97 1.24 -4.74
N ILE B 73 -22.54 0.03 -4.66
CA ILE B 73 -22.20 -0.90 -3.55
C ILE B 73 -21.47 -2.02 -4.28
N THR B 74 -20.24 -2.32 -3.87
CA THR B 74 -19.44 -3.31 -4.65
C THR B 74 -19.93 -4.74 -4.48
N GLU B 75 -19.38 -5.63 -5.31
CA GLU B 75 -19.67 -7.06 -5.11
C GLU B 75 -19.26 -7.46 -3.70
N ALA B 76 -19.87 -8.53 -3.20
CA ALA B 76 -19.49 -9.01 -1.86
C ALA B 76 -17.98 -9.28 -1.83
N THR B 77 -17.30 -8.77 -0.80
CA THR B 77 -15.86 -8.91 -0.72
C THR B 77 -15.50 -9.57 0.61
N GLN B 78 -14.90 -10.75 0.55
CA GLN B 78 -14.63 -11.52 1.78
C GLN B 78 -13.58 -10.83 2.65
N ILE B 79 -13.83 -10.88 3.96
CA ILE B 79 -12.93 -10.24 4.97
C ILE B 79 -11.79 -11.22 5.30
N SER B 80 -11.88 -12.45 4.82
CA SER B 80 -10.86 -13.48 5.12
C SER B 80 -11.02 -14.64 4.13
N GLN B 81 -10.02 -15.51 4.02
CA GLN B 81 -10.16 -16.70 3.16
C GLN B 81 -11.23 -17.61 3.76
N GLN B 82 -11.36 -17.62 5.08
CA GLN B 82 -12.43 -18.41 5.76
C GLN B 82 -13.79 -17.92 5.27
N GLY B 83 -13.91 -16.63 4.96
CA GLY B 83 -15.21 -16.06 4.52
C GLY B 83 -15.44 -16.12 3.02
N MET B 84 -14.61 -16.87 2.29
CA MET B 84 -14.81 -17.02 0.82
C MET B 84 -15.50 -18.35 0.51
N GLY B 85 -16.31 -18.39 -0.56
CA GLY B 85 -17.05 -19.61 -0.92
C GLY B 85 -17.29 -19.74 -2.41
N TYR B 86 -16.76 -18.80 -3.20
CA TYR B 86 -16.95 -18.82 -4.66
C TYR B 86 -15.62 -18.47 -5.31
N PRO B 87 -15.29 -19.01 -6.50
CA PRO B 87 -14.00 -18.74 -7.12
C PRO B 87 -13.78 -17.29 -7.54
N ASP B 88 -12.55 -16.79 -7.38
CA ASP B 88 -12.17 -15.45 -7.90
C ASP B 88 -13.05 -14.32 -7.36
N THR B 89 -13.46 -14.39 -6.10
CA THR B 89 -14.18 -13.24 -5.52
C THR B 89 -13.10 -12.39 -4.86
N PRO B 90 -13.15 -11.05 -4.91
CA PRO B 90 -12.08 -10.23 -4.35
C PRO B 90 -12.07 -10.23 -2.81
N GLY B 91 -10.90 -9.96 -2.23
CA GLY B 91 -10.79 -9.89 -0.76
C GLY B 91 -10.40 -8.49 -0.30
N ILE B 92 -10.40 -8.26 1.01
CA ILE B 92 -9.99 -6.94 1.59
C ILE B 92 -9.12 -7.23 2.82
N TYR B 93 -8.34 -8.31 2.78
CA TYR B 93 -7.55 -8.67 3.98
C TYR B 93 -6.04 -8.61 3.71
N THR B 94 -5.63 -8.35 2.46
CA THR B 94 -4.17 -8.20 2.18
C THR B 94 -3.87 -6.81 1.64
N ASP B 95 -2.59 -6.42 1.70
CA ASP B 95 -2.16 -5.10 1.20
C ASP B 95 -2.29 -5.07 -0.33
N GLU B 96 -2.04 -6.19 -0.99
CA GLU B 96 -2.18 -6.27 -2.46
C GLU B 96 -3.64 -6.05 -2.85
N GLN B 97 -4.56 -6.61 -2.08
CA GLN B 97 -6.01 -6.42 -2.35
C GLN B 97 -6.36 -4.95 -2.16
N VAL B 98 -5.89 -4.33 -1.07
CA VAL B 98 -6.14 -2.88 -0.84
C VAL B 98 -5.67 -2.08 -2.05
N ASP B 99 -4.47 -2.36 -2.55
CA ASP B 99 -3.91 -1.59 -3.69
C ASP B 99 -4.73 -1.83 -4.96
N GLY B 100 -5.25 -3.05 -5.13
CA GLY B 100 -6.14 -3.31 -6.28
C GLY B 100 -7.45 -2.55 -6.15
N TRP B 101 -8.00 -2.47 -4.94
CA TRP B 101 -9.24 -1.70 -4.72
C TRP B 101 -8.96 -0.19 -4.86
N ARG B 102 -7.73 0.23 -4.58
CA ARG B 102 -7.36 1.66 -4.74
C ARG B 102 -7.52 2.04 -6.21
N MET B 103 -7.17 1.14 -7.13
CA MET B 103 -7.40 1.38 -8.57
C MET B 103 -8.88 1.65 -8.79
N VAL B 104 -9.74 0.79 -8.25
CA VAL B 104 -11.23 0.93 -8.43
C VAL B 104 -11.71 2.26 -7.85
N THR B 105 -11.36 2.55 -6.60
CA THR B 105 -11.88 3.78 -5.94
C THR B 105 -11.32 5.03 -6.64
N GLU B 106 -10.06 4.99 -7.08
CA GLU B 106 -9.47 6.14 -7.81
C GLU B 106 -10.31 6.41 -9.07
N ALA B 107 -10.54 5.37 -9.87
CA ALA B 107 -11.29 5.54 -11.15
C ALA B 107 -12.71 6.04 -10.85
N VAL B 108 -13.37 5.46 -9.86
CA VAL B 108 -14.77 5.85 -9.53
C VAL B 108 -14.78 7.32 -9.09
N HIS B 109 -13.84 7.72 -8.24
CA HIS B 109 -13.87 9.11 -7.70
C HIS B 109 -13.46 10.13 -8.78
N ARG B 110 -12.65 9.70 -9.75
CA ARG B 110 -12.27 10.61 -10.86
C ARG B 110 -13.48 10.82 -11.76
N ARG B 111 -14.43 9.89 -11.75
CA ARG B 111 -15.69 10.05 -12.52
C ARG B 111 -16.76 10.64 -11.60
N GLU B 112 -16.36 11.21 -10.46
CA GLU B 112 -17.29 11.88 -9.50
C GLU B 112 -18.32 10.88 -8.97
N GLY B 113 -17.88 9.65 -8.71
CA GLY B 113 -18.81 8.63 -8.20
C GLY B 113 -18.69 8.42 -6.70
N CYS B 114 -19.57 7.59 -6.14
CA CYS B 114 -19.55 7.28 -4.70
C CYS B 114 -19.56 5.76 -4.58
N ILE B 115 -18.72 5.20 -3.69
CA ILE B 115 -18.61 3.71 -3.67
C ILE B 115 -18.49 3.16 -2.24
N PHE B 116 -19.34 2.18 -1.90
CA PHE B 116 -19.24 1.51 -0.57
C PHE B 116 -18.77 0.07 -0.82
N LEU B 117 -17.91 -0.45 0.05
CA LEU B 117 -17.44 -1.85 -0.09
C LEU B 117 -18.34 -2.78 0.73
N GLN B 118 -18.89 -3.82 0.10
CA GLN B 118 -19.71 -4.79 0.85
C GLN B 118 -18.79 -5.81 1.55
N LEU B 119 -18.82 -5.84 2.88
CA LEU B 119 -17.96 -6.78 3.67
C LEU B 119 -18.66 -8.14 3.73
N TRP B 120 -17.92 -9.22 3.48
CA TRP B 120 -18.59 -10.55 3.35
C TRP B 120 -17.96 -11.65 4.17
N HIS B 121 -18.79 -12.57 4.65
CA HIS B 121 -18.30 -13.82 5.27
C HIS B 121 -19.35 -14.84 4.85
N VAL B 122 -18.98 -15.82 4.03
CA VAL B 122 -19.99 -16.73 3.49
C VAL B 122 -20.52 -17.75 4.48
N GLY B 123 -19.90 -17.89 5.65
CA GLY B 123 -20.34 -18.90 6.61
C GLY B 123 -20.36 -20.27 5.97
N ARG B 124 -21.48 -20.99 6.09
CA ARG B 124 -21.52 -22.39 5.65
C ARG B 124 -21.58 -22.52 4.13
N VAL B 125 -21.83 -21.43 3.41
CA VAL B 125 -21.97 -21.47 1.96
C VAL B 125 -20.58 -21.41 1.36
N SER B 126 -19.83 -22.49 1.52
CA SER B 126 -18.44 -22.60 1.08
C SER B 126 -18.13 -24.08 0.91
N HIS B 127 -16.84 -24.39 0.72
CA HIS B 127 -16.34 -25.75 0.63
C HIS B 127 -14.91 -25.75 1.15
N SER B 128 -14.52 -26.87 1.77
CA SER B 128 -13.19 -26.93 2.36
C SER B 128 -12.08 -26.64 1.35
N SER B 129 -12.34 -26.86 0.06
CA SER B 129 -11.33 -26.58 -0.97
C SER B 129 -11.03 -25.09 -1.11
N PHE B 130 -11.93 -24.22 -0.67
CA PHE B 130 -11.64 -22.79 -0.59
C PHE B 130 -10.95 -22.39 0.71
N GLN B 131 -10.92 -23.26 1.71
CA GLN B 131 -10.64 -22.90 3.09
C GLN B 131 -9.17 -23.09 3.43
N PRO B 132 -8.65 -22.30 4.36
CA PRO B 132 -7.26 -22.50 4.79
C PRO B 132 -7.05 -23.92 5.29
N ASN B 133 -6.01 -24.57 4.75
CA ASN B 133 -5.59 -25.91 5.16
C ASN B 133 -6.69 -26.96 4.97
N GLY B 134 -7.63 -26.73 4.06
CA GLY B 134 -8.68 -27.72 3.86
C GLY B 134 -9.67 -27.84 4.99
N GLN B 135 -9.76 -26.81 5.84
CA GLN B 135 -10.66 -26.80 6.98
C GLN B 135 -12.10 -26.71 6.52
N LEU B 136 -13.01 -27.14 7.40
CA LEU B 136 -14.42 -27.00 7.08
C LEU B 136 -14.83 -25.54 7.10
N PRO B 137 -15.80 -25.17 6.27
CA PRO B 137 -16.50 -23.89 6.47
C PRO B 137 -17.05 -23.80 7.89
N VAL B 138 -17.23 -22.56 8.37
CA VAL B 138 -17.76 -22.33 9.72
C VAL B 138 -19.16 -21.74 9.65
N ALA B 139 -19.87 -21.87 10.76
CA ALA B 139 -21.29 -21.54 10.83
C ALA B 139 -21.67 -21.46 12.31
N PRO B 140 -22.85 -20.93 12.61
CA PRO B 140 -23.31 -21.00 14.00
C PRO B 140 -23.56 -22.43 14.45
N SER B 141 -24.02 -23.29 13.56
CA SER B 141 -24.40 -24.66 13.89
C SER B 141 -23.96 -25.58 12.76
N ALA B 142 -23.70 -26.84 13.11
CA ALA B 142 -23.23 -27.83 12.15
C ALA B 142 -24.41 -28.36 11.35
N ILE B 143 -24.89 -27.54 10.42
CA ILE B 143 -25.99 -27.86 9.51
C ILE B 143 -25.57 -27.48 8.11
N ALA B 144 -25.49 -28.45 7.23
CA ALA B 144 -25.18 -28.15 5.85
C ALA B 144 -26.41 -27.58 5.14
N PRO B 145 -26.23 -26.64 4.21
CA PRO B 145 -27.33 -26.27 3.32
C PRO B 145 -27.55 -27.35 2.27
N GLU B 146 -28.75 -27.35 1.68
CA GLU B 146 -29.06 -28.31 0.63
C GLU B 146 -28.25 -28.04 -0.62
N GLY B 147 -28.02 -29.08 -1.41
CA GLY B 147 -27.51 -28.90 -2.76
C GLY B 147 -26.02 -28.99 -2.92
N GLU B 148 -25.49 -28.29 -3.93
CA GLU B 148 -24.12 -28.46 -4.36
C GLU B 148 -23.46 -27.08 -4.51
N VAL B 149 -22.13 -27.09 -4.52
CA VAL B 149 -21.32 -25.87 -4.51
C VAL B 149 -20.21 -26.00 -5.55
N MET B 150 -20.01 -24.94 -6.33
CA MET B 150 -18.92 -24.95 -7.30
C MET B 150 -17.58 -24.82 -6.58
N THR B 151 -16.64 -25.71 -6.89
CA THR B 151 -15.27 -25.65 -6.39
C THR B 151 -14.29 -25.53 -7.56
N TYR B 152 -13.00 -25.44 -7.22
CA TYR B 152 -11.96 -25.46 -8.26
C TYR B 152 -12.00 -26.74 -9.06
N ASP B 153 -12.39 -27.84 -8.43
CA ASP B 153 -12.48 -29.16 -9.08
C ASP B 153 -13.92 -29.49 -9.44
N GLY B 154 -14.72 -28.50 -9.83
CA GLY B 154 -16.07 -28.73 -10.28
C GLY B 154 -17.11 -28.68 -9.18
N ILE B 155 -18.31 -29.18 -9.53
CA ILE B 155 -19.45 -29.18 -8.63
C ILE B 155 -19.30 -30.30 -7.62
N LYS B 156 -19.56 -29.99 -6.35
CA LYS B 156 -19.42 -30.94 -5.25
C LYS B 156 -20.58 -30.75 -4.28
N PRO B 157 -20.92 -31.78 -3.51
CA PRO B 157 -21.94 -31.62 -2.48
C PRO B 157 -21.44 -30.78 -1.31
N PHE B 158 -22.37 -30.03 -0.70
CA PHE B 158 -22.02 -29.27 0.49
C PHE B 158 -21.60 -30.21 1.61
N GLU B 159 -20.65 -29.75 2.41
CA GLU B 159 -20.22 -30.44 3.62
C GLU B 159 -20.93 -29.86 4.83
N THR B 160 -21.12 -30.70 5.85
CA THR B 160 -21.56 -30.18 7.14
C THR B 160 -20.47 -29.22 7.64
N PRO B 161 -20.82 -28.00 8.04
CA PRO B 161 -19.81 -27.05 8.53
C PRO B 161 -19.47 -27.31 9.99
N ARG B 162 -18.41 -26.64 10.43
CA ARG B 162 -17.99 -26.65 11.83
C ARG B 162 -18.72 -25.55 12.59
N ALA B 163 -19.35 -25.91 13.70
CA ALA B 163 -19.96 -24.91 14.55
C ALA B 163 -18.87 -24.10 15.25
N LEU B 164 -19.04 -22.78 15.27
CA LEU B 164 -18.05 -21.89 15.87
C LEU B 164 -18.11 -21.97 17.39
N GLU B 165 -16.93 -22.04 18.02
CA GLU B 165 -16.88 -21.90 19.47
C GLU B 165 -17.31 -20.50 19.85
N THR B 166 -17.91 -20.39 21.04
CA THR B 166 -18.29 -19.10 21.60
C THR B 166 -17.15 -18.09 21.52
N GLU B 167 -15.94 -18.54 21.87
CA GLU B 167 -14.78 -17.65 21.86
C GLU B 167 -14.48 -17.13 20.46
N GLU B 168 -14.70 -17.96 19.44
CA GLU B 168 -14.26 -17.63 18.08
C GLU B 168 -15.01 -16.44 17.48
N VAL B 169 -16.20 -16.12 18.00
CA VAL B 169 -17.03 -15.08 17.36
C VAL B 169 -16.35 -13.72 17.44
N ALA B 170 -15.74 -13.38 18.59
CA ALA B 170 -15.07 -12.10 18.70
C ALA B 170 -13.91 -11.98 17.72
N HIS B 171 -13.33 -13.12 17.32
CA HIS B 171 -12.25 -13.08 16.34
C HIS B 171 -12.79 -12.81 14.93
N ILE B 172 -13.97 -13.33 14.61
CA ILE B 172 -14.58 -13.00 13.31
C ILE B 172 -15.02 -11.54 13.28
N VAL B 173 -15.50 -11.04 14.42
CA VAL B 173 -15.87 -9.63 14.53
C VAL B 173 -14.64 -8.75 14.30
N GLU B 174 -13.48 -9.17 14.83
CA GLU B 174 -12.25 -8.44 14.61
C GLU B 174 -11.82 -8.48 13.15
N ASP B 175 -12.07 -9.61 12.47
CA ASP B 175 -11.83 -9.67 11.04
C ASP B 175 -12.64 -8.61 10.31
N TYR B 176 -13.89 -8.40 10.73
CA TYR B 176 -14.68 -7.33 10.13
C TYR B 176 -14.06 -5.97 10.41
N ARG B 177 -13.65 -5.73 11.66
CA ARG B 177 -13.06 -4.45 11.98
C ARG B 177 -11.79 -4.21 11.15
N LYS B 178 -10.96 -5.25 11.02
CA LYS B 178 -9.76 -5.14 10.20
C LYS B 178 -10.10 -4.92 8.72
N ALA B 179 -11.16 -5.57 8.24
CA ALA B 179 -11.61 -5.32 6.88
C ALA B 179 -12.02 -3.86 6.70
N ALA B 180 -12.64 -3.27 7.72
CA ALA B 180 -13.08 -1.87 7.59
C ALA B 180 -11.88 -0.93 7.53
N ILE B 181 -10.86 -1.20 8.34
CA ILE B 181 -9.60 -0.47 8.29
C ILE B 181 -8.99 -0.54 6.88
N ASN B 182 -9.02 -1.73 6.25
CA ASN B 182 -8.46 -1.84 4.92
C ASN B 182 -9.35 -1.16 3.89
N ALA B 183 -10.67 -1.21 4.08
CA ALA B 183 -11.58 -0.48 3.19
C ALA B 183 -11.29 1.02 3.22
N LYS B 184 -11.02 1.55 4.41
CA LYS B 184 -10.70 2.96 4.52
C LYS B 184 -9.39 3.28 3.83
N ARG B 185 -8.37 2.45 4.08
CA ARG B 185 -7.09 2.58 3.38
C ARG B 185 -7.26 2.53 1.88
N ALA B 186 -8.21 1.73 1.39
CA ALA B 186 -8.46 1.59 -0.03
C ALA B 186 -9.26 2.74 -0.62
N GLY B 187 -9.80 3.63 0.22
CA GLY B 187 -10.46 4.83 -0.24
C GLY B 187 -11.97 4.76 -0.41
N PHE B 188 -12.61 3.71 0.07
CA PHE B 188 -14.05 3.64 0.00
C PHE B 188 -14.72 4.73 0.81
N ASP B 189 -15.78 5.28 0.26
CA ASP B 189 -16.61 6.24 0.97
C ASP B 189 -17.32 5.64 2.17
N GLY B 190 -17.55 4.33 2.16
CA GLY B 190 -18.31 3.67 3.19
C GLY B 190 -18.20 2.18 3.00
N ILE B 191 -18.87 1.46 3.89
CA ILE B 191 -18.90 0.00 3.87
C ILE B 191 -20.33 -0.44 4.11
N GLU B 192 -20.69 -1.60 3.55
CA GLU B 192 -21.98 -2.24 3.78
C GLU B 192 -21.73 -3.63 4.37
N ILE B 193 -22.40 -3.92 5.48
CA ILE B 193 -22.32 -5.22 6.12
C ILE B 193 -23.32 -6.14 5.43
N HIS B 194 -22.82 -7.23 4.80
CA HIS B 194 -23.70 -8.22 4.19
C HIS B 194 -24.28 -9.11 5.28
N SER B 195 -25.56 -8.91 5.61
CA SER B 195 -26.26 -9.71 6.61
C SER B 195 -27.46 -10.43 5.99
N ALA B 196 -27.37 -10.77 4.71
CA ALA B 196 -28.48 -11.32 3.92
C ALA B 196 -28.08 -12.63 3.22
N ASN B 197 -29.08 -13.21 2.53
CA ASN B 197 -28.91 -14.22 1.48
C ASN B 197 -28.14 -15.46 1.94
N GLY B 198 -28.34 -15.82 3.21
CA GLY B 198 -27.89 -17.11 3.69
C GLY B 198 -26.45 -17.22 4.16
N TYR B 199 -25.72 -16.11 4.27
CA TYR B 199 -24.31 -16.16 4.61
C TYR B 199 -24.17 -16.11 6.14
N LEU B 200 -22.94 -15.89 6.64
CA LEU B 200 -22.64 -16.14 8.05
C LEU B 200 -23.59 -15.39 8.97
N LEU B 201 -23.71 -14.08 8.78
CA LEU B 201 -24.50 -13.29 9.72
C LEU B 201 -25.97 -13.65 9.65
N HIS B 202 -26.49 -13.86 8.44
CA HIS B 202 -27.87 -14.28 8.27
C HIS B 202 -28.10 -15.64 8.93
N GLU B 203 -27.10 -16.55 8.85
CA GLU B 203 -27.19 -17.86 9.51
C GLU B 203 -27.32 -17.72 11.02
N PHE B 204 -26.57 -16.79 11.63
CA PHE B 204 -26.76 -16.51 13.05
C PHE B 204 -28.15 -15.98 13.33
N LEU B 205 -28.73 -15.21 12.39
CA LEU B 205 -29.96 -14.49 12.69
C LEU B 205 -31.19 -15.42 12.77
N GLU B 206 -31.23 -16.49 11.97
CA GLU B 206 -32.43 -17.29 11.84
C GLU B 206 -32.28 -18.63 12.57
N ASP B 207 -33.36 -19.03 13.27
CA ASP B 207 -33.31 -20.25 14.08
C ASP B 207 -33.44 -21.53 13.25
N GLY B 208 -33.69 -21.42 11.95
CA GLY B 208 -33.55 -22.59 11.10
C GLY B 208 -32.10 -23.03 10.98
N THR B 209 -31.18 -22.07 11.09
CA THR B 209 -29.76 -22.33 10.94
C THR B 209 -28.97 -22.12 12.23
N ASN B 210 -29.54 -21.41 13.21
CA ASN B 210 -28.89 -21.14 14.48
C ASN B 210 -29.61 -21.98 15.54
N LYS B 211 -28.97 -23.07 15.97
CA LYS B 211 -29.47 -23.87 17.08
C LYS B 211 -28.55 -23.79 18.30
N ARG B 212 -27.76 -22.72 18.42
CA ARG B 212 -26.80 -22.61 19.51
C ARG B 212 -27.51 -22.38 20.85
N THR B 213 -26.81 -22.71 21.93
CA THR B 213 -27.40 -22.57 23.29
C THR B 213 -26.58 -21.54 24.09
N ASP B 214 -25.71 -20.79 23.41
CA ASP B 214 -24.84 -19.80 24.10
C ASP B 214 -25.42 -18.39 23.97
N ARG B 215 -24.58 -17.36 24.17
CA ARG B 215 -25.06 -15.95 24.11
C ARG B 215 -25.34 -15.53 22.67
N TYR B 216 -25.10 -16.43 21.70
CA TYR B 216 -25.32 -16.09 20.27
C TYR B 216 -26.49 -16.89 19.71
N GLY B 217 -27.20 -17.62 20.57
CA GLY B 217 -28.31 -18.47 20.08
C GLY B 217 -29.48 -18.51 21.05
N GLY B 218 -30.66 -18.90 20.55
CA GLY B 218 -31.86 -18.98 21.40
C GLY B 218 -32.78 -17.80 21.18
N SER B 219 -32.71 -16.81 22.05
CA SER B 219 -33.63 -15.64 21.96
C SER B 219 -33.30 -14.81 20.73
N ILE B 220 -34.29 -14.13 20.16
CA ILE B 220 -34.06 -13.23 18.98
C ILE B 220 -32.89 -12.31 19.32
N GLU B 221 -32.86 -11.76 20.53
CA GLU B 221 -31.79 -10.85 20.96
C GLU B 221 -30.42 -11.55 20.91
N ASN B 222 -30.33 -12.82 21.33
CA ASN B 222 -29.06 -13.52 21.25
C ASN B 222 -28.64 -13.75 19.81
N ARG B 223 -29.61 -14.03 18.92
CA ARG B 223 -29.28 -14.36 17.54
C ARG B 223 -28.78 -13.13 16.77
N ALA B 224 -29.19 -11.93 17.19
CA ALA B 224 -28.71 -10.68 16.58
C ALA B 224 -27.39 -10.20 17.15
N ARG B 225 -26.97 -10.72 18.31
CA ARG B 225 -25.82 -10.13 19.01
C ARG B 225 -24.62 -9.99 18.09
N ILE B 226 -24.37 -10.99 17.25
CA ILE B 226 -23.20 -10.95 16.38
C ILE B 226 -23.32 -9.78 15.40
N VAL B 227 -24.53 -9.46 14.94
CA VAL B 227 -24.67 -8.36 13.99
C VAL B 227 -24.38 -7.03 14.67
N PHE B 228 -24.82 -6.88 15.91
CA PHE B 228 -24.55 -5.65 16.63
C PHE B 228 -23.09 -5.58 17.06
N GLU B 229 -22.48 -6.73 17.38
CA GLU B 229 -21.05 -6.74 17.66
C GLU B 229 -20.24 -6.38 16.43
N VAL B 230 -20.65 -6.82 15.24
CA VAL B 230 -19.97 -6.39 14.03
C VAL B 230 -20.12 -4.89 13.84
N LEU B 231 -21.33 -4.37 14.05
CA LEU B 231 -21.57 -2.95 13.82
C LEU B 231 -20.82 -2.07 14.82
N ASP B 232 -20.80 -2.47 16.11
CA ASP B 232 -19.93 -1.82 17.08
C ASP B 232 -18.50 -1.75 16.56
N ALA B 233 -18.01 -2.86 16.02
CA ALA B 233 -16.59 -2.95 15.69
C ALA B 233 -16.23 -2.08 14.50
N VAL B 234 -17.02 -2.16 13.41
CA VAL B 234 -16.66 -1.34 12.27
C VAL B 234 -17.01 0.13 12.48
N CYS B 235 -17.96 0.44 13.37
CA CYS B 235 -18.22 1.85 13.67
C CYS B 235 -17.16 2.45 14.58
N LYS B 236 -16.11 1.71 14.93
CA LYS B 236 -14.89 2.27 15.49
C LYS B 236 -13.88 2.65 14.41
N VAL B 237 -14.20 2.39 13.15
CA VAL B 237 -13.32 2.67 12.02
C VAL B 237 -13.93 3.75 11.14
N TYR B 238 -15.10 3.52 10.66
CA TYR B 238 -15.94 4.46 9.93
C TYR B 238 -16.95 5.07 10.88
N PRO B 239 -17.31 6.32 10.70
CA PRO B 239 -18.46 6.84 11.42
C PRO B 239 -19.69 6.07 11.02
N SER B 240 -20.63 5.92 11.96
CA SER B 240 -21.81 5.09 11.72
C SER B 240 -22.58 5.55 10.49
N ARG B 241 -22.57 6.87 10.21
CA ARG B 241 -23.27 7.35 9.01
C ARG B 241 -22.53 6.98 7.72
N ARG B 242 -21.46 6.19 7.78
CA ARG B 242 -20.86 5.65 6.58
C ARG B 242 -20.84 4.13 6.60
N VAL B 243 -21.65 3.52 7.47
CA VAL B 243 -21.79 2.07 7.58
C VAL B 243 -23.23 1.74 7.28
N GLY B 244 -23.46 0.93 6.23
CA GLY B 244 -24.76 0.41 5.92
C GLY B 244 -24.84 -1.09 6.22
N ILE B 245 -26.06 -1.61 6.13
CA ILE B 245 -26.27 -3.04 6.37
C ILE B 245 -27.38 -3.54 5.45
N ARG B 246 -27.20 -4.75 4.95
CA ARG B 246 -28.13 -5.33 4.00
C ARG B 246 -28.80 -6.55 4.62
N LEU B 247 -30.13 -6.60 4.53
CA LEU B 247 -30.91 -7.71 5.04
C LEU B 247 -31.80 -8.27 3.95
N SER B 248 -32.16 -9.55 4.10
CA SER B 248 -33.15 -10.22 3.25
C SER B 248 -34.17 -10.80 4.23
N PRO B 249 -35.22 -10.05 4.53
CA PRO B 249 -36.15 -10.45 5.61
C PRO B 249 -36.95 -11.72 5.36
N ASP B 250 -37.10 -12.17 4.12
CA ASP B 250 -37.97 -13.33 3.87
C ASP B 250 -37.54 -14.01 2.56
N THR B 251 -36.53 -14.88 2.67
CA THR B 251 -36.07 -15.65 1.51
C THR B 251 -35.70 -17.06 1.95
N GLU B 252 -35.87 -17.98 1.01
CA GLU B 252 -35.47 -19.37 1.17
C GLU B 252 -34.11 -19.65 0.56
N PHE B 253 -33.44 -18.62 0.03
CA PHE B 253 -32.15 -18.82 -0.61
C PHE B 253 -31.16 -19.48 0.36
N MET B 254 -30.43 -20.47 -0.15
CA MET B 254 -29.38 -21.19 0.61
C MET B 254 -29.94 -21.78 1.90
N SER B 255 -31.15 -22.35 1.79
CA SER B 255 -31.76 -23.18 2.83
C SER B 255 -31.97 -22.40 4.13
N MET B 256 -32.43 -21.16 4.03
CA MET B 256 -32.70 -20.37 5.22
C MET B 256 -34.15 -20.53 5.67
N SER B 257 -34.35 -20.39 6.99
CA SER B 257 -35.68 -20.43 7.59
C SER B 257 -35.59 -19.94 9.03
N ASP B 258 -36.72 -19.44 9.52
CA ASP B 258 -36.85 -18.93 10.89
C ASP B 258 -38.32 -18.99 11.27
N SER B 259 -38.60 -19.41 12.52
CA SER B 259 -39.99 -19.72 12.89
C SER B 259 -40.88 -18.48 12.95
N ASP B 260 -40.31 -17.30 13.23
CA ASP B 260 -41.09 -16.05 13.32
C ASP B 260 -40.26 -14.92 12.73
N ARG B 261 -40.25 -14.85 11.40
CA ARG B 261 -39.50 -13.80 10.72
C ARG B 261 -40.07 -12.41 11.03
N PRO B 262 -41.39 -12.22 11.15
CA PRO B 262 -41.89 -10.87 11.52
C PRO B 262 -41.29 -10.33 12.80
N ALA B 263 -41.21 -11.12 13.88
CA ALA B 263 -40.67 -10.59 15.12
C ALA B 263 -39.15 -10.50 15.10
N LEU B 264 -38.49 -11.39 14.36
CA LEU B 264 -37.04 -11.32 14.24
C LEU B 264 -36.60 -10.01 13.60
N TYR B 265 -37.18 -9.69 12.44
CA TYR B 265 -36.73 -8.51 11.71
C TYR B 265 -37.36 -7.23 12.22
N SER B 266 -38.58 -7.30 12.78
CA SER B 266 -39.12 -6.16 13.52
C SER B 266 -38.14 -5.72 14.60
N TYR B 267 -37.75 -6.65 15.47
CA TYR B 267 -36.76 -6.34 16.49
C TYR B 267 -35.48 -5.79 15.88
N LEU B 268 -34.90 -6.54 14.93
CA LEU B 268 -33.60 -6.17 14.37
C LEU B 268 -33.63 -4.78 13.75
N VAL B 269 -34.67 -4.50 12.95
CA VAL B 269 -34.72 -3.25 12.20
C VAL B 269 -34.90 -2.06 13.13
N GLN B 270 -35.73 -2.21 14.16
CA GLN B 270 -35.93 -1.13 15.12
C GLN B 270 -34.67 -0.86 15.94
N GLU B 271 -33.88 -1.90 16.22
CA GLU B 271 -32.61 -1.68 16.91
C GLU B 271 -31.58 -1.03 15.98
N LEU B 272 -31.58 -1.42 14.71
CA LEU B 272 -30.69 -0.78 13.74
C LEU B 272 -31.00 0.70 13.61
N SER B 273 -32.29 1.05 13.75
CA SER B 273 -32.73 2.45 13.60
C SER B 273 -32.05 3.36 14.63
N ARG B 274 -31.69 2.80 15.78
CA ARG B 274 -31.10 3.62 16.88
C ARG B 274 -29.58 3.72 16.69
N ARG B 275 -29.03 3.01 15.70
CA ARG B 275 -27.56 2.98 15.53
C ARG B 275 -27.08 4.07 14.57
N GLU B 276 -27.97 4.97 14.13
CA GLU B 276 -27.56 6.12 13.26
C GLU B 276 -26.66 5.62 12.12
N LEU B 277 -27.13 4.65 11.35
CA LEU B 277 -26.35 4.06 10.28
C LEU B 277 -26.50 4.88 9.00
N ALA B 278 -25.63 4.58 8.02
CA ALA B 278 -25.73 5.24 6.72
C ALA B 278 -27.07 4.96 6.06
N TYR B 279 -27.51 3.70 6.13
CA TYR B 279 -28.77 3.27 5.53
C TYR B 279 -29.06 1.84 5.97
N LEU B 280 -30.32 1.44 5.77
CA LEU B 280 -30.72 0.04 5.79
C LEU B 280 -31.08 -0.35 4.37
N HIS B 281 -30.51 -1.46 3.90
CA HIS B 281 -30.65 -1.94 2.53
C HIS B 281 -31.46 -3.22 2.60
N LEU B 282 -32.68 -3.19 2.07
CA LEU B 282 -33.59 -4.33 2.17
C LEU B 282 -33.85 -4.96 0.81
N ILE B 283 -33.78 -6.29 0.75
CA ILE B 283 -34.06 -7.04 -0.47
C ILE B 283 -35.51 -7.51 -0.43
N GLU B 284 -36.23 -7.26 -1.51
CA GLU B 284 -37.64 -7.63 -1.60
C GLU B 284 -37.77 -9.15 -1.62
N PRO B 285 -38.79 -9.71 -0.97
CA PRO B 285 -38.94 -11.17 -0.95
C PRO B 285 -39.12 -11.80 -2.32
N ARG B 286 -39.47 -11.02 -3.37
CA ARG B 286 -39.65 -11.55 -4.72
C ARG B 286 -38.33 -11.88 -5.41
N ILE B 287 -37.20 -11.78 -4.72
CA ILE B 287 -35.91 -12.26 -5.22
C ILE B 287 -35.41 -13.34 -4.29
N LYS B 288 -34.93 -14.43 -4.87
CA LYS B 288 -34.32 -15.52 -4.11
C LYS B 288 -32.83 -15.53 -4.46
N GLY B 289 -32.07 -14.66 -3.80
CA GLY B 289 -30.67 -14.54 -4.10
C GLY B 289 -30.40 -13.76 -5.37
N ASN B 290 -30.45 -14.45 -6.50
CA ASN B 290 -30.03 -13.90 -7.77
C ASN B 290 -31.05 -14.17 -8.88
N VAL B 291 -32.27 -14.56 -8.52
CA VAL B 291 -33.29 -14.95 -9.48
C VAL B 291 -34.65 -14.50 -8.97
N ASP B 292 -35.56 -14.27 -9.89
CA ASP B 292 -36.94 -13.92 -9.53
C ASP B 292 -37.67 -15.15 -9.01
N VAL B 293 -38.56 -14.94 -8.05
CA VAL B 293 -39.34 -16.02 -7.46
C VAL B 293 -40.74 -15.50 -7.12
N GLU B 294 -41.75 -16.35 -7.32
CA GLU B 294 -43.07 -16.03 -6.81
C GLU B 294 -43.10 -16.35 -5.32
N LYS B 295 -43.41 -15.34 -4.51
CA LYS B 295 -43.25 -15.44 -3.07
C LYS B 295 -44.33 -14.62 -2.38
N GLU B 296 -45.09 -15.27 -1.50
CA GLU B 296 -46.12 -14.57 -0.69
C GLU B 296 -45.46 -14.10 0.60
N SER B 297 -45.37 -12.77 0.79
CA SER B 297 -44.75 -12.23 1.99
C SER B 297 -45.35 -10.88 2.30
N SER B 298 -45.42 -10.55 3.59
CA SER B 298 -45.67 -9.20 4.06
C SER B 298 -44.42 -8.60 4.71
N LEU B 299 -43.25 -9.10 4.33
CA LEU B 299 -42.01 -8.60 4.88
C LEU B 299 -41.21 -7.88 3.78
N ASN B 300 -41.89 -7.05 3.02
CA ASN B 300 -41.28 -6.21 2.00
C ASN B 300 -41.05 -4.81 2.59
N VAL B 301 -40.66 -3.86 1.74
CA VAL B 301 -40.24 -2.56 2.24
C VAL B 301 -41.39 -1.71 2.74
N GLU B 302 -42.64 -1.98 2.32
CA GLU B 302 -43.77 -1.25 2.89
C GLU B 302 -43.94 -1.59 4.37
N PHE B 303 -43.64 -2.84 4.74
CA PHE B 303 -43.70 -3.27 6.13
C PHE B 303 -42.67 -2.55 7.00
N PHE B 304 -41.48 -2.29 6.45
CA PHE B 304 -40.36 -1.85 7.27
C PHE B 304 -40.12 -0.35 7.26
N ARG B 305 -40.63 0.37 6.26
CA ARG B 305 -40.54 1.83 6.28
C ARG B 305 -40.91 2.43 7.63
N PRO B 306 -42.04 2.05 8.27
CA PRO B 306 -42.38 2.68 9.55
C PRO B 306 -41.46 2.29 10.70
N LEU B 307 -40.78 1.17 10.62
CA LEU B 307 -39.98 0.68 11.74
C LEU B 307 -38.56 1.21 11.73
N TYR B 308 -38.15 1.88 10.66
CA TYR B 308 -36.79 2.35 10.48
C TYR B 308 -36.81 3.84 10.20
N LYS B 309 -35.98 4.60 10.93
CA LYS B 309 -36.01 6.05 10.87
C LYS B 309 -35.20 6.63 9.72
N GLY B 310 -34.02 6.06 9.44
CA GLY B 310 -33.06 6.67 8.54
C GLY B 310 -33.28 6.40 7.06
N VAL B 311 -32.16 6.34 6.33
CA VAL B 311 -32.17 6.16 4.88
C VAL B 311 -32.45 4.70 4.57
N LEU B 312 -33.41 4.45 3.68
CA LEU B 312 -33.85 3.11 3.33
C LEU B 312 -33.64 2.84 1.85
N ILE B 313 -32.81 1.84 1.54
CA ILE B 313 -32.57 1.41 0.16
C ILE B 313 -33.42 0.17 -0.08
N THR B 314 -34.26 0.21 -1.10
CA THR B 314 -35.01 -0.99 -1.46
C THR B 314 -34.40 -1.62 -2.71
N ALA B 315 -34.35 -2.94 -2.73
CA ALA B 315 -33.73 -3.66 -3.83
C ALA B 315 -34.54 -4.89 -4.17
N GLY B 316 -34.54 -5.25 -5.46
CA GLY B 316 -34.96 -6.55 -5.93
C GLY B 316 -36.18 -6.58 -6.83
N GLY B 317 -35.97 -6.85 -8.11
CA GLY B 317 -37.03 -6.95 -9.08
C GLY B 317 -37.58 -5.65 -9.63
N TYR B 318 -36.91 -4.53 -9.41
CA TYR B 318 -37.49 -3.27 -9.85
C TYR B 318 -37.22 -2.99 -11.32
N GLN B 319 -38.11 -2.22 -11.90
CA GLN B 319 -38.01 -1.60 -13.21
C GLN B 319 -38.00 -0.09 -12.98
N LYS B 320 -37.96 0.70 -14.04
CA LYS B 320 -38.04 2.17 -13.86
C LYS B 320 -39.37 2.54 -13.18
N GLU B 321 -40.47 1.95 -13.63
CA GLU B 321 -41.77 2.43 -13.15
C GLU B 321 -42.01 2.04 -11.69
N THR B 322 -41.63 0.83 -11.29
CA THR B 322 -41.89 0.40 -9.92
C THR B 322 -40.89 1.03 -8.95
N GLY B 323 -39.67 1.31 -9.40
CA GLY B 323 -38.73 2.01 -8.55
C GLY B 323 -39.19 3.42 -8.26
N GLU B 324 -39.66 4.11 -9.29
CA GLU B 324 -40.19 5.46 -9.14
C GLU B 324 -41.37 5.47 -8.17
N GLU B 325 -42.22 4.45 -8.25
CA GLU B 325 -43.39 4.35 -7.33
C GLU B 325 -42.89 4.33 -5.88
N ARG B 326 -41.87 3.52 -5.59
CA ARG B 326 -41.38 3.42 -4.21
C ARG B 326 -40.94 4.78 -3.70
N LEU B 327 -40.27 5.56 -4.55
CA LEU B 327 -39.82 6.88 -4.14
C LEU B 327 -40.99 7.84 -4.00
N GLN B 328 -41.90 7.85 -4.99
CA GLN B 328 -43.02 8.79 -4.99
C GLN B 328 -43.94 8.57 -3.80
N LYS B 329 -44.15 7.33 -3.41
CA LYS B 329 -44.96 7.00 -2.26
C LYS B 329 -44.16 6.98 -0.96
N GLN B 330 -42.87 7.31 -1.04
CA GLN B 330 -41.99 7.43 0.12
C GLN B 330 -41.90 6.12 0.91
N HIS B 331 -42.01 4.99 0.21
CA HIS B 331 -41.71 3.69 0.79
C HIS B 331 -40.23 3.46 0.95
N ALA B 332 -39.40 4.20 0.22
CA ALA B 332 -37.97 4.11 0.36
C ALA B 332 -37.36 5.41 -0.14
N ASP B 333 -36.09 5.60 0.17
CA ASP B 333 -35.33 6.77 -0.22
C ASP B 333 -34.43 6.54 -1.43
N LEU B 334 -33.97 5.30 -1.63
CA LEU B 334 -33.10 4.96 -2.74
C LEU B 334 -33.57 3.62 -3.27
N VAL B 335 -33.28 3.38 -4.54
CA VAL B 335 -33.66 2.13 -5.19
C VAL B 335 -32.42 1.53 -5.83
N ALA B 336 -32.11 0.29 -5.45
CA ALA B 336 -30.98 -0.45 -5.98
C ALA B 336 -31.42 -1.32 -7.15
N TYR B 337 -30.62 -1.28 -8.22
CA TYR B 337 -30.78 -2.12 -9.38
C TYR B 337 -29.52 -2.97 -9.55
N GLY B 338 -29.70 -4.28 -9.71
CA GLY B 338 -28.60 -5.19 -9.94
C GLY B 338 -28.45 -5.60 -11.40
N ARG B 339 -29.30 -6.52 -11.85
CA ARG B 339 -29.17 -7.06 -13.20
C ARG B 339 -29.27 -5.98 -14.28
N TRP B 340 -30.15 -4.98 -14.10
CA TRP B 340 -30.19 -3.93 -15.11
C TRP B 340 -28.88 -3.13 -15.15
N VAL B 341 -28.19 -3.00 -14.01
CA VAL B 341 -26.95 -2.22 -14.05
C VAL B 341 -25.80 -3.05 -14.61
N ILE B 342 -25.83 -4.37 -14.43
CA ILE B 342 -24.91 -5.24 -15.16
C ILE B 342 -24.94 -4.89 -16.64
N ALA B 343 -26.13 -4.74 -17.20
CA ALA B 343 -26.27 -4.58 -18.64
C ALA B 343 -26.33 -3.14 -19.11
N ASN B 344 -26.49 -2.18 -18.20
CA ASN B 344 -26.67 -0.78 -18.57
C ASN B 344 -25.86 0.06 -17.61
N PRO B 345 -24.59 0.32 -17.96
CA PRO B 345 -23.75 1.13 -17.06
C PRO B 345 -24.29 2.51 -16.87
N ASP B 346 -24.97 3.05 -17.89
CA ASP B 346 -25.60 4.35 -17.84
C ASP B 346 -27.11 4.24 -17.61
N LEU B 347 -27.54 3.33 -16.73
CA LEU B 347 -28.97 3.15 -16.50
C LEU B 347 -29.69 4.44 -16.11
N PRO B 348 -29.13 5.34 -15.29
CA PRO B 348 -29.87 6.58 -14.99
C PRO B 348 -30.18 7.40 -16.24
N SER B 349 -29.23 7.49 -17.17
CA SER B 349 -29.45 8.26 -18.39
C SER B 349 -30.47 7.58 -19.28
N ARG B 350 -30.48 6.24 -19.31
CA ARG B 350 -31.49 5.56 -20.12
C ARG B 350 -32.88 5.75 -19.54
N PHE B 351 -33.01 5.76 -18.21
CA PHE B 351 -34.28 6.09 -17.58
C PHE B 351 -34.71 7.52 -17.93
N GLU B 352 -33.74 8.45 -17.90
CA GLU B 352 -34.02 9.87 -18.21
C GLU B 352 -34.58 10.02 -19.63
N GLN B 353 -33.96 9.36 -20.62
CA GLN B 353 -34.44 9.58 -22.02
C GLN B 353 -35.46 8.51 -22.42
N ASN B 354 -35.98 7.74 -21.45
CA ASN B 354 -36.89 6.64 -21.81
C ASN B 354 -36.32 5.79 -22.94
N ALA B 355 -35.01 5.51 -22.85
CA ALA B 355 -34.28 4.72 -23.84
C ALA B 355 -34.47 3.23 -23.55
N PRO B 356 -34.36 2.38 -24.59
CA PRO B 356 -34.39 0.93 -24.35
C PRO B 356 -33.26 0.52 -23.44
N LEU B 357 -33.46 -0.59 -22.73
CA LEU B 357 -32.45 -1.13 -21.84
C LEU B 357 -31.77 -2.31 -22.53
N ASN B 358 -30.43 -2.30 -22.54
CA ASN B 358 -29.72 -3.50 -22.97
C ASN B 358 -30.19 -4.69 -22.12
N PRO B 359 -30.41 -5.85 -22.72
CA PRO B 359 -30.81 -7.02 -21.92
C PRO B 359 -29.63 -7.59 -21.15
N TYR B 360 -29.90 -8.05 -19.93
CA TYR B 360 -28.86 -8.70 -19.16
C TYR B 360 -28.75 -10.16 -19.57
N ASP B 361 -27.51 -10.65 -19.63
CA ASP B 361 -27.18 -11.99 -20.09
C ASP B 361 -26.66 -12.79 -18.90
N ARG B 362 -27.55 -13.59 -18.30
CA ARG B 362 -27.17 -14.38 -17.13
C ARG B 362 -25.98 -15.27 -17.39
N ALA B 363 -25.74 -15.70 -18.65
CA ALA B 363 -24.63 -16.65 -18.87
C ALA B 363 -23.27 -16.03 -18.60
N THR B 364 -23.17 -14.71 -18.51
CA THR B 364 -21.89 -14.09 -18.24
C THR B 364 -21.89 -13.31 -16.92
N PHE B 365 -22.87 -13.57 -16.06
CA PHE B 365 -22.83 -12.95 -14.75
C PHE B 365 -21.59 -13.37 -13.98
N TYR B 366 -21.24 -14.66 -14.01
CA TYR B 366 -20.28 -15.22 -13.07
C TYR B 366 -19.05 -15.74 -13.80
N GLY B 367 -17.90 -15.15 -13.48
CA GLY B 367 -16.64 -15.60 -14.08
C GLY B 367 -16.50 -15.12 -15.50
N GLY B 368 -15.39 -15.47 -16.15
CA GLY B 368 -15.21 -15.09 -17.56
C GLY B 368 -14.32 -13.88 -17.72
N ASN B 369 -14.57 -13.08 -18.75
CA ASN B 369 -13.67 -11.93 -19.05
C ASN B 369 -14.50 -10.67 -19.30
N GLU B 370 -14.04 -9.81 -20.20
CA GLU B 370 -14.75 -8.55 -20.53
C GLU B 370 -16.12 -8.84 -21.14
N LYS B 371 -16.31 -10.03 -21.72
CA LYS B 371 -17.58 -10.35 -22.38
C LYS B 371 -18.69 -10.40 -21.32
N GLY B 372 -19.75 -9.62 -21.53
CA GLY B 372 -20.82 -9.55 -20.55
C GLY B 372 -20.42 -8.86 -19.27
N TYR B 373 -19.35 -8.06 -19.32
CA TYR B 373 -18.83 -7.43 -18.13
C TYR B 373 -18.55 -5.95 -18.39
N THR B 374 -17.64 -5.64 -19.31
CA THR B 374 -17.35 -4.25 -19.66
C THR B 374 -17.73 -3.92 -21.10
N ASP B 375 -18.40 -4.83 -21.81
CA ASP B 375 -18.72 -4.57 -23.21
C ASP B 375 -20.19 -4.30 -23.46
N TYR B 376 -20.98 -4.04 -22.42
CA TYR B 376 -22.34 -3.56 -22.61
C TYR B 376 -22.30 -2.09 -23.03
N PRO B 377 -23.08 -1.68 -24.04
CA PRO B 377 -22.88 -0.35 -24.64
C PRO B 377 -23.52 0.78 -23.86
N PHE B 378 -22.95 1.98 -24.03
CA PHE B 378 -23.50 3.22 -23.51
C PHE B 378 -24.33 3.91 -24.60
N LEU B 379 -25.27 4.76 -24.16
CA LEU B 379 -25.93 5.68 -25.11
C LEU B 379 -24.95 6.69 -25.69
N ASP B 380 -24.03 7.19 -24.86
CA ASP B 380 -23.08 8.23 -25.26
C ASP B 380 -21.69 7.62 -25.28
N PRO B 381 -21.05 7.50 -26.44
CA PRO B 381 -19.68 6.96 -26.47
C PRO B 381 -18.67 7.76 -25.68
N ARG B 382 -18.89 9.05 -25.44
CA ARG B 382 -17.97 9.81 -24.60
C ARG B 382 -17.95 9.28 -23.17
N ASP B 383 -19.08 8.72 -22.72
CA ASP B 383 -19.18 8.09 -21.41
C ASP B 383 -18.23 6.90 -21.32
N SER B 384 -18.26 6.05 -22.33
CA SER B 384 -17.37 4.88 -22.36
C SER B 384 -15.91 5.31 -22.43
N GLN B 385 -15.61 6.28 -23.30
CA GLN B 385 -14.24 6.81 -23.40
C GLN B 385 -13.73 7.29 -22.04
N GLU B 386 -14.57 8.01 -21.29
CA GLU B 386 -14.11 8.63 -20.05
C GLU B 386 -13.83 7.56 -18.99
N ALA B 387 -14.71 6.56 -18.90
CA ALA B 387 -14.46 5.43 -18.01
C ALA B 387 -13.15 4.72 -18.35
N LEU B 388 -12.87 4.55 -19.64
CA LEU B 388 -11.62 3.89 -20.00
C LEU B 388 -10.42 4.76 -19.65
N LYS B 389 -10.50 6.06 -19.93
CA LYS B 389 -9.42 6.96 -19.58
C LYS B 389 -9.10 6.92 -18.08
N GLU B 390 -10.14 6.94 -17.24
CA GLU B 390 -9.92 6.97 -15.80
C GLU B 390 -9.46 5.62 -15.29
N ALA B 391 -9.96 4.52 -15.89
CA ALA B 391 -9.46 3.21 -15.45
C ALA B 391 -7.99 3.05 -15.79
N GLU B 392 -7.56 3.55 -16.96
CA GLU B 392 -6.15 3.41 -17.34
C GLU B 392 -5.26 4.30 -16.49
N ALA B 393 -5.70 5.53 -16.18
CA ALA B 393 -4.92 6.38 -15.29
C ALA B 393 -4.83 5.78 -13.90
N ALA B 394 -5.92 5.17 -13.42
CA ALA B 394 -5.90 4.57 -12.09
C ALA B 394 -4.97 3.37 -12.05
N GLU B 395 -4.91 2.59 -13.14
CA GLU B 395 -4.00 1.45 -13.16
C GLU B 395 -2.55 1.90 -13.17
N ARG B 396 -2.22 2.90 -13.98
CA ARG B 396 -0.85 3.41 -13.98
C ARG B 396 -0.47 3.90 -12.60
N LYS B 397 -1.42 4.51 -11.88
CA LYS B 397 -1.13 5.10 -10.59
C LYS B 397 -0.85 4.03 -9.54
N TRP B 398 -1.69 3.01 -9.47
CA TRP B 398 -1.63 2.08 -8.34
C TRP B 398 -1.05 0.72 -8.71
N ARG B 399 -0.60 0.53 -9.95
CA ARG B 399 0.07 -0.69 -10.37
C ARG B 399 1.08 -1.15 -9.33
N ARG B 400 1.03 -2.44 -8.98
CA ARG B 400 2.08 -2.99 -8.14
C ARG B 400 3.25 -3.29 -9.07
N LEU B 401 4.08 -2.27 -9.28
CA LEU B 401 5.18 -2.27 -10.23
C LEU B 401 6.21 -3.34 -9.90
#